data_1M2X
#
_entry.id   1M2X
#
_cell.length_a   159.685
_cell.length_b   159.685
_cell.length_c   97.815
_cell.angle_alpha   90.00
_cell.angle_beta   90.00
_cell.angle_gamma   120.00
#
_symmetry.space_group_name_H-M   'H 3'
#
loop_
_entity.id
_entity.type
_entity.pdbx_description
1 polymer 'class B carbapenemase BlaB-1'
2 non-polymer 'SODIUM ION'
3 non-polymer 'ZINC ION'
4 non-polymer '1-(3-MERCAPTO-2-METHYL-PROPIONYL)-PYRROLIDINE-2-CARBOXYLIC ACID'
5 non-polymer GLYCEROL
6 water water
#
_entity_poly.entity_id   1
_entity_poly.type   'polypeptide(L)'
_entity_poly.pdbx_seq_one_letter_code
;DVKIEKLKDNLYVYTTYNTFNGTKYAANAVYLVTDKGVVVIDCPWGEDKFKSFTDEIYKKHGKKVIMNIATHSHDDRAGG
LEYFGKIGAKTYSTKMTDSILAKENKPRAQYTFDNNKSFKVGKSEFQVYYPGKGHTADNVVVWFPKEKVLVGGCIIKSAD
SKDLGYIGEAYVNDWTQSVHNIQQKFSGAQYVVAGHDDWKDQRSIQHTLDLINEYQQKQKASN
;
_entity_poly.pdbx_strand_id   A,B,C,D
#
# COMPACT_ATOMS: atom_id res chain seq x y z
N ASP A 1 17.03 23.73 16.45
CA ASP A 1 17.69 22.41 16.17
C ASP A 1 17.94 22.22 14.67
N VAL A 2 19.13 21.74 14.35
CA VAL A 2 19.51 21.50 12.97
C VAL A 2 20.13 20.12 12.85
N LYS A 3 19.52 19.26 12.03
CA LYS A 3 20.05 17.92 11.84
C LYS A 3 20.83 17.89 10.53
N ILE A 4 22.05 17.39 10.58
CA ILE A 4 22.89 17.32 9.39
C ILE A 4 23.41 15.91 9.18
N GLU A 5 23.24 15.41 7.96
CA GLU A 5 23.71 14.06 7.63
C GLU A 5 24.44 14.08 6.31
N LYS A 6 25.58 13.39 6.25
CA LYS A 6 26.34 13.32 5.02
C LYS A 6 25.57 12.42 4.06
N LEU A 7 25.33 12.92 2.84
CA LEU A 7 24.61 12.12 1.87
C LEU A 7 25.60 11.42 0.93
N LYS A 8 26.53 12.19 0.37
CA LYS A 8 27.53 11.64 -0.53
C LYS A 8 28.75 12.53 -0.60
N ASP A 9 29.90 11.98 -0.21
CA ASP A 9 31.16 12.71 -0.22
C ASP A 9 31.06 14.05 0.51
N ASN A 10 31.16 15.15 -0.22
CA ASN A 10 31.11 16.47 0.40
C ASN A 10 29.74 17.14 0.33
N LEU A 11 28.71 16.35 0.04
CA LEU A 11 27.35 16.85 -0.06
C LEU A 11 26.57 16.41 1.18
N TYR A 12 25.99 17.38 1.88
CA TYR A 12 25.25 17.11 3.10
C TYR A 12 23.81 17.57 3.04
N VAL A 13 22.92 16.83 3.70
N VAL A 13 22.92 16.82 3.69
CA VAL A 13 21.52 17.18 3.76
CA VAL A 13 21.52 17.18 3.76
C VAL A 13 21.27 17.73 5.16
C VAL A 13 21.25 17.73 5.16
N TYR A 14 20.66 18.91 5.25
CA TYR A 14 20.36 19.50 6.55
C TYR A 14 18.86 19.67 6.67
N THR A 15 18.37 19.51 7.90
CA THR A 15 16.94 19.58 8.17
C THR A 15 16.65 20.44 9.38
N THR A 16 15.65 21.30 9.26
CA THR A 16 15.22 22.15 10.36
C THR A 16 13.73 21.89 10.55
N TYR A 17 13.19 22.29 11.70
CA TYR A 17 11.79 22.01 11.99
C TYR A 17 10.97 23.25 12.33
N ASN A 18 9.72 23.25 11.88
CA ASN A 18 8.80 24.36 12.13
C ASN A 18 7.42 23.76 12.36
N THR A 19 6.83 24.07 13.50
CA THR A 19 5.52 23.53 13.84
C THR A 19 4.35 24.44 13.47
N PHE A 20 3.45 23.90 12.66
CA PHE A 20 2.27 24.63 12.21
C PHE A 20 1.00 23.97 12.73
N ASN A 21 0.31 24.66 13.63
CA ASN A 21 -0.94 24.17 14.19
C ASN A 21 -0.89 22.75 14.71
N GLY A 22 0.15 22.44 15.48
CA GLY A 22 0.26 21.11 16.05
C GLY A 22 1.02 20.10 15.21
N THR A 23 1.25 20.43 13.94
CA THR A 23 1.99 19.53 13.05
C THR A 23 3.43 20.01 12.93
N LYS A 24 4.37 19.18 13.37
CA LYS A 24 5.78 19.55 13.30
C LYS A 24 6.31 19.14 11.94
N TYR A 25 6.55 20.13 11.09
CA TYR A 25 7.06 19.90 9.74
C TYR A 25 8.57 20.02 9.70
N ALA A 26 9.19 19.23 8.83
CA ALA A 26 10.63 19.29 8.66
C ALA A 26 10.87 19.91 7.29
N ALA A 27 11.96 20.65 7.15
CA ALA A 27 12.31 21.27 5.88
C ALA A 27 13.71 20.74 5.56
N ASN A 28 13.87 20.15 4.37
CA ASN A 28 15.16 19.59 3.96
C ASN A 28 15.80 20.41 2.86
N ALA A 29 17.12 20.55 2.95
CA ALA A 29 17.91 21.26 1.96
C ALA A 29 19.29 20.63 1.98
N VAL A 30 20.22 21.20 1.23
CA VAL A 30 21.57 20.63 1.19
C VAL A 30 22.63 21.72 1.12
N TYR A 31 23.85 21.34 1.48
CA TYR A 31 24.99 22.25 1.37
C TYR A 31 26.15 21.41 0.88
N LEU A 32 27.05 22.06 0.13
CA LEU A 32 28.20 21.40 -0.46
C LEU A 32 29.48 22.03 0.04
N VAL A 33 30.42 21.21 0.50
CA VAL A 33 31.69 21.71 0.99
C VAL A 33 32.71 21.61 -0.15
N THR A 34 33.24 22.76 -0.56
CA THR A 34 34.24 22.79 -1.63
C THR A 34 35.54 23.37 -1.12
N ASP A 35 36.57 23.33 -1.98
CA ASP A 35 37.88 23.85 -1.62
C ASP A 35 37.87 25.38 -1.51
N LYS A 36 36.81 25.99 -2.03
CA LYS A 36 36.67 27.45 -2.00
C LYS A 36 35.73 27.90 -0.86
N GLY A 37 35.02 26.94 -0.26
CA GLY A 37 34.10 27.28 0.79
C GLY A 37 32.83 26.46 0.68
N VAL A 38 31.81 26.83 1.47
CA VAL A 38 30.55 26.11 1.48
C VAL A 38 29.44 26.77 0.68
N VAL A 39 28.74 25.96 -0.12
CA VAL A 39 27.62 26.42 -0.93
C VAL A 39 26.35 25.93 -0.23
N VAL A 40 25.47 26.85 0.13
CA VAL A 40 24.23 26.48 0.80
C VAL A 40 23.03 26.65 -0.10
N ILE A 41 22.23 25.59 -0.24
CA ILE A 41 21.00 25.65 -1.03
C ILE A 41 19.88 25.92 -0.01
N ASP A 42 19.03 26.89 -0.33
CA ASP A 42 17.92 27.28 0.53
C ASP A 42 18.34 27.78 1.90
N CYS A 43 17.54 27.54 2.92
CA CYS A 43 17.90 28.04 4.25
C CYS A 43 17.13 27.37 5.37
N PRO A 44 17.58 27.57 6.62
CA PRO A 44 16.87 26.97 7.75
C PRO A 44 15.46 27.57 7.76
N TRP A 45 14.49 26.80 8.22
CA TRP A 45 13.11 27.27 8.26
C TRP A 45 12.91 28.03 9.56
N GLY A 46 13.15 29.34 9.50
CA GLY A 46 13.02 30.20 10.67
C GLY A 46 14.29 31.02 10.84
N GLU A 47 14.15 32.34 10.85
CA GLU A 47 15.31 33.23 10.99
C GLU A 47 16.10 33.01 12.28
N ASP A 48 15.41 32.64 13.34
CA ASP A 48 16.07 32.40 14.63
C ASP A 48 16.96 31.16 14.57
N LYS A 49 17.11 30.58 13.39
CA LYS A 49 17.92 29.38 13.23
C LYS A 49 19.12 29.59 12.31
N PHE A 50 19.22 30.76 11.69
CA PHE A 50 20.33 31.02 10.78
C PHE A 50 21.70 30.96 11.43
N LYS A 51 21.86 31.64 12.55
CA LYS A 51 23.15 31.65 13.24
C LYS A 51 23.52 30.25 13.73
N SER A 52 22.54 29.56 14.29
N SER A 52 22.54 29.54 14.29
CA SER A 52 22.76 28.21 14.79
CA SER A 52 22.80 28.20 14.79
C SER A 52 23.24 27.30 13.66
C SER A 52 23.26 27.30 13.65
N PHE A 53 22.68 27.52 12.47
CA PHE A 53 23.05 26.72 11.30
C PHE A 53 24.49 26.96 10.87
N THR A 54 24.88 28.22 10.71
CA THR A 54 26.26 28.46 10.31
C THR A 54 27.23 28.10 11.43
N ASP A 55 26.75 28.14 12.67
CA ASP A 55 27.60 27.74 13.80
C ASP A 55 27.90 26.24 13.64
N GLU A 56 26.92 25.47 13.19
CA GLU A 56 27.11 24.04 13.01
C GLU A 56 28.08 23.79 11.85
N ILE A 57 27.99 24.63 10.82
N ILE A 57 27.99 24.61 10.81
CA ILE A 57 28.87 24.50 9.68
CA ILE A 57 28.89 24.44 9.68
C ILE A 57 30.32 24.66 10.13
C ILE A 57 30.33 24.66 10.13
N TYR A 58 30.55 25.65 10.99
CA TYR A 58 31.90 25.92 11.48
C TYR A 58 32.37 24.76 12.38
N LYS A 59 31.48 24.28 13.24
CA LYS A 59 31.82 23.18 14.13
C LYS A 59 32.21 21.92 13.37
N LYS A 60 31.48 21.62 12.31
CA LYS A 60 31.74 20.41 11.54
C LYS A 60 32.82 20.53 10.47
N HIS A 61 32.97 21.71 9.89
CA HIS A 61 33.92 21.89 8.80
C HIS A 61 34.96 22.99 8.94
N GLY A 62 34.73 23.94 9.84
CA GLY A 62 35.66 25.03 10.02
C GLY A 62 35.83 25.84 8.75
N LYS A 63 34.72 26.01 8.01
CA LYS A 63 34.75 26.74 6.76
C LYS A 63 33.70 27.84 6.67
N LYS A 64 33.80 28.63 5.61
CA LYS A 64 32.90 29.76 5.38
C LYS A 64 31.88 29.55 4.28
N VAL A 65 30.69 30.09 4.48
CA VAL A 65 29.62 30.00 3.48
C VAL A 65 29.89 31.08 2.44
N ILE A 66 30.13 30.67 1.20
CA ILE A 66 30.45 31.62 0.13
C ILE A 66 29.34 31.81 -0.90
N MET A 67 28.28 31.02 -0.81
CA MET A 67 27.18 31.11 -1.76
C MET A 67 25.86 30.59 -1.20
N ASN A 68 24.77 31.21 -1.60
CA ASN A 68 23.43 30.78 -1.19
C ASN A 68 22.56 30.88 -2.43
N ILE A 69 21.78 29.82 -2.69
CA ILE A 69 20.87 29.79 -3.82
C ILE A 69 19.47 29.43 -3.32
N ALA A 70 18.47 30.26 -3.63
CA ALA A 70 17.08 30.03 -3.21
C ALA A 70 16.34 29.29 -4.33
N THR A 71 15.65 28.21 -3.99
CA THR A 71 14.92 27.43 -5.01
C THR A 71 13.47 27.86 -5.30
N HIS A 72 13.00 28.82 -4.51
CA HIS A 72 11.71 29.50 -4.71
C HIS A 72 11.55 30.57 -3.65
N SER A 73 10.51 31.39 -3.75
CA SER A 73 10.34 32.53 -2.85
C SER A 73 9.96 32.34 -1.40
N HIS A 74 9.48 31.17 -1.03
CA HIS A 74 9.04 30.96 0.35
C HIS A 74 10.12 30.97 1.42
N ASP A 75 9.69 31.23 2.65
CA ASP A 75 10.56 31.34 3.83
C ASP A 75 11.56 30.22 4.06
N ASP A 76 11.22 29.01 3.64
CA ASP A 76 12.12 27.87 3.83
C ASP A 76 13.15 27.75 2.72
N ARG A 77 13.13 28.69 1.77
CA ARG A 77 14.07 28.66 0.65
C ARG A 77 14.81 29.98 0.46
N ALA A 78 14.05 31.09 0.50
CA ALA A 78 14.64 32.42 0.29
C ALA A 78 14.74 33.25 1.57
N GLY A 79 14.27 32.71 2.68
CA GLY A 79 14.30 33.45 3.93
C GLY A 79 15.66 33.89 4.42
N GLY A 80 16.71 33.20 3.98
CA GLY A 80 18.05 33.56 4.42
C GLY A 80 18.86 34.44 3.49
N LEU A 81 18.23 34.96 2.43
CA LEU A 81 18.97 35.79 1.50
C LEU A 81 19.62 37.01 2.16
N GLU A 82 18.91 37.67 3.07
CA GLU A 82 19.48 38.83 3.75
C GLU A 82 20.65 38.42 4.64
N TYR A 83 20.45 37.36 5.43
CA TYR A 83 21.46 36.86 6.34
C TYR A 83 22.73 36.41 5.62
N PHE A 84 22.58 35.54 4.63
CA PHE A 84 23.74 35.05 3.92
C PHE A 84 24.47 36.17 3.18
N GLY A 85 23.73 37.17 2.73
CA GLY A 85 24.37 38.29 2.06
C GLY A 85 25.18 39.08 3.08
N LYS A 86 24.61 39.27 4.26
CA LYS A 86 25.26 40.00 5.32
C LYS A 86 26.57 39.36 5.76
N ILE A 87 26.63 38.03 5.77
CA ILE A 87 27.85 37.36 6.18
C ILE A 87 28.88 37.15 5.06
N GLY A 88 28.67 37.79 3.92
CA GLY A 88 29.62 37.70 2.83
C GLY A 88 29.41 36.72 1.69
N ALA A 89 28.32 35.96 1.73
CA ALA A 89 28.07 35.00 0.67
C ALA A 89 27.46 35.65 -0.58
N LYS A 90 27.74 35.07 -1.73
N LYS A 90 27.72 35.05 -1.73
CA LYS A 90 27.17 35.58 -2.98
CA LYS A 90 27.18 35.54 -2.99
C LYS A 90 25.81 34.89 -3.08
C LYS A 90 25.81 34.88 -3.08
N THR A 91 24.75 35.69 -3.17
CA THR A 91 23.40 35.14 -3.24
C THR A 91 22.75 35.16 -4.62
N TYR A 92 22.02 34.09 -4.90
CA TYR A 92 21.35 33.90 -6.19
C TYR A 92 19.91 33.42 -6.10
N SER A 93 19.14 33.77 -7.13
CA SER A 93 17.76 33.32 -7.27
C SER A 93 17.43 33.50 -8.74
N THR A 94 16.34 32.90 -9.19
CA THR A 94 15.93 33.09 -10.57
C THR A 94 15.27 34.46 -10.66
N LYS A 95 15.09 34.96 -11.87
CA LYS A 95 14.45 36.25 -12.05
C LYS A 95 12.98 36.18 -11.63
N MET A 96 12.35 35.04 -11.87
CA MET A 96 10.94 34.91 -11.48
C MET A 96 10.81 34.99 -9.98
N THR A 97 11.69 34.29 -9.27
CA THR A 97 11.66 34.32 -7.80
C THR A 97 11.94 35.73 -7.30
N ASP A 98 12.85 36.42 -7.98
CA ASP A 98 13.19 37.79 -7.61
C ASP A 98 11.98 38.71 -7.72
N SER A 99 11.20 38.53 -8.78
N SER A 99 11.20 38.53 -8.78
CA SER A 99 10.01 39.33 -9.01
CA SER A 99 10.00 39.35 -8.98
C SER A 99 8.98 39.11 -7.90
C SER A 99 8.98 39.11 -7.89
N ILE A 100 8.84 37.86 -7.46
CA ILE A 100 7.90 37.52 -6.41
C ILE A 100 8.36 38.12 -5.08
N LEU A 101 9.64 38.00 -4.77
CA LEU A 101 10.19 38.55 -3.53
C LEU A 101 10.02 40.06 -3.50
N ALA A 102 10.28 40.72 -4.63
CA ALA A 102 10.14 42.17 -4.72
C ALA A 102 8.70 42.57 -4.44
N LYS A 103 7.77 41.84 -5.05
CA LYS A 103 6.34 42.11 -4.86
C LYS A 103 5.92 41.94 -3.39
N GLU A 104 6.49 40.96 -2.70
CA GLU A 104 6.16 40.71 -1.30
C GLU A 104 7.03 41.52 -0.33
N ASN A 105 7.87 42.40 -0.87
N ASN A 105 7.87 42.39 -0.90
CA ASN A 105 8.75 43.23 -0.07
CA ASN A 105 8.78 43.23 -0.13
C ASN A 105 9.65 42.40 0.84
C ASN A 105 9.69 42.43 0.81
N LYS A 106 10.21 41.33 0.28
CA LYS A 106 11.11 40.46 1.03
C LYS A 106 12.52 40.69 0.50
N PRO A 107 13.55 40.44 1.32
CA PRO A 107 14.91 40.65 0.83
C PRO A 107 15.17 39.82 -0.43
N ARG A 108 15.94 40.38 -1.35
CA ARG A 108 16.24 39.72 -2.61
C ARG A 108 17.69 39.28 -2.76
N ALA A 109 17.93 38.42 -3.75
CA ALA A 109 19.27 37.92 -4.02
C ALA A 109 20.07 38.99 -4.74
N GLN A 110 21.40 38.90 -4.66
CA GLN A 110 22.27 39.86 -5.31
C GLN A 110 22.33 39.63 -6.81
N TYR A 111 22.31 38.36 -7.20
CA TYR A 111 22.38 37.98 -8.61
C TYR A 111 21.19 37.13 -9.02
N THR A 112 20.72 37.33 -10.25
CA THR A 112 19.59 36.56 -10.74
C THR A 112 19.90 35.97 -12.11
N PHE A 113 19.21 34.88 -12.44
CA PHE A 113 19.39 34.22 -13.72
C PHE A 113 18.06 33.74 -14.28
N ASP A 114 18.03 33.52 -15.59
CA ASP A 114 16.81 33.09 -16.28
C ASP A 114 16.47 31.61 -16.16
N ASN A 115 15.92 31.26 -15.00
CA ASN A 115 15.47 29.90 -14.67
C ASN A 115 16.49 28.78 -14.61
N ASN A 116 17.39 28.71 -15.58
CA ASN A 116 18.40 27.65 -15.61
C ASN A 116 19.81 28.20 -15.57
N LYS A 117 20.70 27.51 -14.85
CA LYS A 117 22.09 27.94 -14.76
C LYS A 117 23.00 26.83 -14.25
N SER A 118 24.17 26.70 -14.87
CA SER A 118 25.14 25.71 -14.46
C SER A 118 26.19 26.41 -13.61
N PHE A 119 26.49 25.83 -12.45
CA PHE A 119 27.47 26.42 -11.55
C PHE A 119 28.75 25.59 -11.45
N LYS A 120 29.85 26.29 -11.19
CA LYS A 120 31.16 25.66 -11.04
C LYS A 120 31.83 26.35 -9.85
N VAL A 121 31.94 25.62 -8.74
CA VAL A 121 32.56 26.17 -7.53
C VAL A 121 33.69 25.24 -7.10
N GLY A 122 34.91 25.73 -7.18
CA GLY A 122 36.05 24.90 -6.81
C GLY A 122 36.12 23.78 -7.84
N LYS A 123 36.14 22.55 -7.36
CA LYS A 123 36.21 21.39 -8.25
C LYS A 123 34.83 20.75 -8.37
N SER A 124 33.81 21.44 -7.86
CA SER A 124 32.45 20.92 -7.89
C SER A 124 31.58 21.59 -8.96
N GLU A 125 30.64 20.82 -9.49
CA GLU A 125 29.73 21.31 -10.50
C GLU A 125 28.30 20.89 -10.16
N PHE A 126 27.34 21.77 -10.42
CA PHE A 126 25.95 21.48 -10.17
C PHE A 126 25.10 22.40 -11.03
N GLN A 127 23.85 22.04 -11.25
CA GLN A 127 22.99 22.87 -12.09
C GLN A 127 21.60 23.08 -11.53
N VAL A 128 21.07 24.26 -11.78
CA VAL A 128 19.72 24.61 -11.35
C VAL A 128 18.85 24.44 -12.59
N TYR A 129 17.78 23.69 -12.45
CA TYR A 129 16.87 23.40 -13.55
C TYR A 129 15.43 23.78 -13.23
N TYR A 130 14.76 24.46 -14.16
CA TYR A 130 13.36 24.86 -14.01
C TYR A 130 12.50 23.85 -14.77
N PRO A 131 11.73 23.01 -14.04
CA PRO A 131 10.86 22.00 -14.64
C PRO A 131 9.49 22.45 -15.11
N GLY A 132 9.08 23.63 -14.65
CA GLY A 132 7.76 24.16 -14.98
C GLY A 132 7.06 24.46 -13.67
N LYS A 133 5.83 24.97 -13.75
CA LYS A 133 5.07 25.29 -12.54
C LYS A 133 4.59 24.05 -11.78
N GLY A 134 4.53 24.16 -10.46
CA GLY A 134 4.08 23.04 -9.64
C GLY A 134 3.66 23.54 -8.27
N HIS A 135 4.54 23.35 -7.29
CA HIS A 135 4.28 23.82 -5.94
C HIS A 135 4.06 25.34 -6.02
N THR A 136 4.86 25.99 -6.86
CA THR A 136 4.76 27.42 -7.14
C THR A 136 5.14 27.59 -8.60
N ALA A 137 4.99 28.80 -9.12
CA ALA A 137 5.33 29.05 -10.51
C ALA A 137 6.84 29.12 -10.73
N ASP A 138 7.58 29.47 -9.68
CA ASP A 138 9.02 29.66 -9.76
C ASP A 138 9.91 28.52 -9.29
N ASN A 139 9.32 27.47 -8.71
CA ASN A 139 10.14 26.39 -8.19
C ASN A 139 11.17 25.76 -9.16
N VAL A 140 12.38 25.58 -8.65
CA VAL A 140 13.46 24.96 -9.42
C VAL A 140 14.08 23.83 -8.60
N VAL A 141 14.82 22.95 -9.27
CA VAL A 141 15.49 21.84 -8.61
C VAL A 141 16.99 21.99 -8.86
N VAL A 142 17.80 21.31 -8.05
CA VAL A 142 19.25 21.39 -8.18
C VAL A 142 19.81 20.00 -8.37
N TRP A 143 20.62 19.84 -9.41
CA TRP A 143 21.22 18.55 -9.74
C TRP A 143 22.73 18.55 -9.53
N PHE A 144 23.20 17.55 -8.80
CA PHE A 144 24.63 17.38 -8.54
C PHE A 144 24.99 16.11 -9.32
N PRO A 145 25.54 16.27 -10.53
CA PRO A 145 25.92 15.13 -11.37
C PRO A 145 26.91 14.11 -10.80
N LYS A 146 27.96 14.58 -10.15
CA LYS A 146 28.95 13.66 -9.59
C LYS A 146 28.36 12.76 -8.50
N GLU A 147 27.59 13.35 -7.59
CA GLU A 147 26.98 12.61 -6.49
C GLU A 147 25.67 11.94 -6.91
N LYS A 148 25.12 12.34 -8.04
CA LYS A 148 23.85 11.81 -8.54
C LYS A 148 22.73 12.12 -7.55
N VAL A 149 22.71 13.35 -7.08
CA VAL A 149 21.71 13.79 -6.13
C VAL A 149 20.84 14.90 -6.72
N LEU A 150 19.53 14.69 -6.66
CA LEU A 150 18.58 15.68 -7.16
C LEU A 150 17.87 16.29 -5.96
N VAL A 151 18.12 17.58 -5.73
CA VAL A 151 17.50 18.31 -4.64
C VAL A 151 16.19 18.83 -5.21
N GLY A 152 15.10 18.15 -4.86
CA GLY A 152 13.79 18.49 -5.39
C GLY A 152 13.07 19.69 -4.84
N GLY A 153 13.32 20.01 -3.58
CA GLY A 153 12.63 21.14 -3.00
C GLY A 153 11.16 20.80 -2.84
N CYS A 154 10.35 21.82 -2.69
CA CYS A 154 8.94 21.61 -2.43
C CYS A 154 8.03 21.12 -3.54
N ILE A 155 8.56 20.97 -4.75
CA ILE A 155 7.77 20.45 -5.86
C ILE A 155 7.67 18.91 -5.69
N ILE A 156 8.53 18.38 -4.83
N ILE A 156 8.54 18.36 -4.83
CA ILE A 156 8.54 16.95 -4.54
CA ILE A 156 8.51 16.92 -4.57
C ILE A 156 8.07 16.72 -3.11
C ILE A 156 8.07 16.69 -3.13
N LYS A 157 6.97 15.98 -2.95
CA LYS A 157 6.44 15.68 -1.63
C LYS A 157 7.07 14.42 -1.08
N SER A 158 7.13 14.30 0.24
N SER A 158 7.10 14.31 0.24
CA SER A 158 7.70 13.12 0.86
CA SER A 158 7.66 13.13 0.90
C SER A 158 6.74 11.95 0.62
C SER A 158 6.72 11.95 0.64
N ALA A 159 7.28 10.74 0.67
CA ALA A 159 6.48 9.55 0.42
C ALA A 159 5.39 9.37 1.49
N ASP A 160 5.58 10.01 2.64
CA ASP A 160 4.60 9.91 3.73
C ASP A 160 3.72 11.16 3.87
N SER A 161 3.73 12.02 2.87
CA SER A 161 2.92 13.23 2.93
C SER A 161 1.43 12.89 2.86
N LYS A 162 0.65 13.50 3.74
CA LYS A 162 -0.79 13.28 3.78
C LYS A 162 -1.48 14.06 2.66
N ASP A 163 -1.01 15.27 2.41
CA ASP A 163 -1.59 16.10 1.35
C ASP A 163 -0.48 16.85 0.60
N LEU A 164 -0.87 17.73 -0.31
CA LEU A 164 0.08 18.50 -1.10
C LEU A 164 0.73 19.66 -0.34
N GLY A 165 0.29 19.90 0.89
CA GLY A 165 0.85 20.97 1.68
C GLY A 165 0.27 22.32 1.31
N TYR A 166 1.08 23.37 1.41
CA TYR A 166 0.62 24.71 1.06
C TYR A 166 0.43 24.85 -0.45
N ILE A 167 -0.81 25.00 -0.88
CA ILE A 167 -1.10 25.12 -2.31
C ILE A 167 -1.72 26.47 -2.70
N GLY A 168 -1.66 27.44 -1.80
CA GLY A 168 -2.22 28.74 -2.10
C GLY A 168 -1.62 29.42 -3.32
N GLU A 169 -0.43 29.00 -3.72
CA GLU A 169 0.24 29.58 -4.87
C GLU A 169 0.66 28.49 -5.86
N ALA A 170 0.05 27.33 -5.74
CA ALA A 170 0.35 26.19 -6.60
C ALA A 170 -0.39 26.17 -7.91
N TYR A 171 0.13 25.37 -8.83
CA TYR A 171 -0.45 25.16 -10.15
C TYR A 171 -0.61 23.66 -10.28
N VAL A 172 -1.63 23.13 -9.62
CA VAL A 172 -1.87 21.69 -9.62
C VAL A 172 -2.04 21.06 -11.00
N ASN A 173 -2.57 21.81 -11.96
CA ASN A 173 -2.78 21.26 -13.30
C ASN A 173 -1.52 21.22 -14.16
N ASP A 174 -0.44 21.80 -13.66
CA ASP A 174 0.83 21.81 -14.38
C ASP A 174 1.87 20.98 -13.65
N TRP A 175 1.60 20.70 -12.38
CA TRP A 175 2.50 19.97 -11.50
C TRP A 175 2.94 18.59 -12.01
N THR A 176 2.00 17.82 -12.55
CA THR A 176 2.33 16.48 -13.05
C THR A 176 3.38 16.53 -14.16
N GLN A 177 3.17 17.37 -15.16
CA GLN A 177 4.11 17.49 -16.26
C GLN A 177 5.49 17.91 -15.75
N SER A 178 5.51 18.87 -14.84
CA SER A 178 6.78 19.34 -14.27
C SER A 178 7.55 18.22 -13.57
N VAL A 179 6.85 17.39 -12.80
CA VAL A 179 7.50 16.29 -12.11
C VAL A 179 7.94 15.24 -13.13
N HIS A 180 7.15 15.02 -14.18
CA HIS A 180 7.53 14.06 -15.21
C HIS A 180 8.80 14.56 -15.89
N ASN A 181 8.93 15.88 -16.03
CA ASN A 181 10.13 16.45 -16.66
C ASN A 181 11.37 16.17 -15.82
N ILE A 182 11.25 16.33 -14.51
CA ILE A 182 12.36 16.09 -13.59
C ILE A 182 12.79 14.62 -13.68
N GLN A 183 11.80 13.74 -13.59
CA GLN A 183 12.02 12.31 -13.61
C GLN A 183 12.76 11.86 -14.87
N GLN A 184 12.37 12.39 -16.02
CA GLN A 184 12.98 12.04 -17.29
C GLN A 184 14.39 12.58 -17.48
N LYS A 185 14.63 13.81 -17.03
CA LYS A 185 15.93 14.44 -17.17
C LYS A 185 17.01 13.93 -16.22
N PHE A 186 16.60 13.54 -15.01
CA PHE A 186 17.54 13.05 -14.00
C PHE A 186 17.19 11.63 -13.59
N SER A 187 16.85 10.83 -14.58
CA SER A 187 16.47 9.43 -14.37
C SER A 187 17.46 8.60 -13.58
N GLY A 188 18.74 8.87 -13.73
CA GLY A 188 19.76 8.11 -13.01
C GLY A 188 20.05 8.53 -11.58
N ALA A 189 19.24 9.42 -11.02
CA ALA A 189 19.46 9.91 -9.66
C ALA A 189 19.50 8.80 -8.61
N GLN A 190 20.51 8.85 -7.75
CA GLN A 190 20.66 7.86 -6.69
C GLN A 190 19.82 8.33 -5.50
N TYR A 191 19.78 9.64 -5.30
CA TYR A 191 19.01 10.23 -4.21
C TYR A 191 18.19 11.41 -4.67
N VAL A 192 16.92 11.42 -4.28
CA VAL A 192 16.02 12.53 -4.59
C VAL A 192 15.63 13.04 -3.21
N VAL A 193 15.84 14.34 -2.99
CA VAL A 193 15.53 14.95 -1.70
C VAL A 193 14.26 15.79 -1.72
N ALA A 194 13.22 15.31 -1.04
CA ALA A 194 11.95 16.02 -0.95
C ALA A 194 12.14 17.26 -0.08
N GLY A 195 11.43 18.34 -0.39
CA GLY A 195 11.57 19.57 0.37
C GLY A 195 11.13 19.51 1.83
N HIS A 196 10.17 18.64 2.14
CA HIS A 196 9.68 18.54 3.50
C HIS A 196 9.58 17.11 4.02
N ASP A 197 9.64 17.00 5.34
CA ASP A 197 9.54 15.73 6.06
C ASP A 197 10.50 14.62 5.61
N ASP A 198 10.10 13.37 5.75
CA ASP A 198 10.99 12.26 5.39
C ASP A 198 11.37 12.25 3.91
N TRP A 199 12.65 12.40 3.62
CA TRP A 199 13.13 12.40 2.25
C TRP A 199 13.77 11.08 1.82
N LYS A 200 14.19 10.27 2.78
CA LYS A 200 14.86 9.01 2.45
C LYS A 200 14.07 8.03 1.60
N ASP A 201 12.77 7.89 1.82
CA ASP A 201 11.95 6.99 1.02
C ASP A 201 11.94 7.52 -0.41
N GLN A 202 12.57 6.79 -1.33
CA GLN A 202 12.67 7.23 -2.72
C GLN A 202 11.42 7.09 -3.59
N ARG A 203 10.29 6.83 -2.97
CA ARG A 203 9.04 6.72 -3.72
C ARG A 203 8.36 8.09 -3.65
N SER A 204 9.12 9.08 -3.19
CA SER A 204 8.62 10.45 -3.06
C SER A 204 8.00 11.00 -4.35
N ILE A 205 8.67 10.80 -5.49
CA ILE A 205 8.14 11.28 -6.75
C ILE A 205 6.84 10.59 -7.11
N GLN A 206 6.78 9.27 -6.86
CA GLN A 206 5.57 8.50 -7.14
C GLN A 206 4.38 8.98 -6.32
N HIS A 207 4.61 9.18 -5.02
CA HIS A 207 3.58 9.63 -4.11
C HIS A 207 3.11 11.03 -4.47
N THR A 208 4.04 11.86 -4.95
CA THR A 208 3.70 13.22 -5.34
C THR A 208 2.68 13.16 -6.46
N LEU A 209 2.96 12.33 -7.46
CA LEU A 209 2.05 12.18 -8.58
C LEU A 209 0.70 11.66 -8.10
N ASP A 210 0.74 10.76 -7.12
CA ASP A 210 -0.48 10.19 -6.55
C ASP A 210 -1.32 11.28 -5.88
N LEU A 211 -0.66 12.14 -5.11
CA LEU A 211 -1.35 13.22 -4.44
C LEU A 211 -1.96 14.24 -5.41
N ILE A 212 -1.26 14.52 -6.50
CA ILE A 212 -1.77 15.45 -7.50
C ILE A 212 -3.03 14.87 -8.12
N ASN A 213 -2.97 13.60 -8.50
CA ASN A 213 -4.13 12.95 -9.11
C ASN A 213 -5.31 12.95 -8.15
N GLU A 214 -5.05 12.61 -6.88
CA GLU A 214 -6.09 12.59 -5.87
C GLU A 214 -6.77 13.95 -5.76
N TYR A 215 -5.97 15.01 -5.76
CA TYR A 215 -6.51 16.36 -5.67
C TYR A 215 -7.41 16.69 -6.85
N GLN A 216 -6.95 16.36 -8.05
CA GLN A 216 -7.73 16.63 -9.26
C GLN A 216 -9.03 15.85 -9.33
N GLN A 217 -8.99 14.58 -8.93
CA GLN A 217 -10.18 13.74 -8.96
C GLN A 217 -11.27 14.28 -8.04
N LYS A 218 -10.87 14.88 -6.93
CA LYS A 218 -11.84 15.45 -5.99
C LYS A 218 -12.27 16.80 -6.52
N GLN A 219 -11.87 17.11 -7.76
CA GLN A 219 -12.19 18.38 -8.40
C GLN A 219 -11.59 19.55 -7.63
N ASP B 1 -11.45 -17.23 -26.24
CA ASP B 1 -12.26 -16.09 -25.69
C ASP B 1 -11.62 -14.75 -26.00
N VAL B 2 -12.45 -13.78 -26.36
CA VAL B 2 -11.96 -12.45 -26.68
C VAL B 2 -12.86 -11.43 -26.01
N LYS B 3 -12.29 -10.63 -25.12
CA LYS B 3 -13.07 -9.60 -24.43
C LYS B 3 -12.80 -8.25 -25.08
N ILE B 4 -13.87 -7.55 -25.45
CA ILE B 4 -13.74 -6.26 -26.09
C ILE B 4 -14.57 -5.22 -25.36
N GLU B 5 -13.94 -4.09 -25.04
CA GLU B 5 -14.62 -3.00 -24.36
C GLU B 5 -14.26 -1.67 -25.02
N LYS B 6 -15.26 -0.81 -25.21
CA LYS B 6 -15.00 0.49 -25.80
C LYS B 6 -14.15 1.29 -24.83
N LEU B 7 -13.08 1.88 -25.34
CA LEU B 7 -12.18 2.68 -24.52
C LEU B 7 -12.59 4.15 -24.62
N LYS B 8 -12.58 4.67 -25.84
CA LYS B 8 -12.95 6.06 -26.09
C LYS B 8 -13.33 6.21 -27.55
N ASP B 9 -14.54 6.69 -27.81
CA ASP B 9 -15.02 6.89 -29.17
C ASP B 9 -14.94 5.60 -30.00
N ASN B 10 -14.12 5.62 -31.05
N ASN B 10 -14.13 5.62 -31.05
CA ASN B 10 -13.95 4.46 -31.93
CA ASN B 10 -13.98 4.44 -31.92
C ASN B 10 -12.72 3.64 -31.59
C ASN B 10 -12.74 3.62 -31.57
N LEU B 11 -12.22 3.80 -30.37
CA LEU B 11 -11.04 3.07 -29.93
C LEU B 11 -11.46 2.01 -28.92
N TYR B 12 -11.10 0.76 -29.20
CA TYR B 12 -11.46 -0.36 -28.35
C TYR B 12 -10.28 -1.14 -27.81
N VAL B 13 -10.42 -1.66 -26.60
N VAL B 13 -10.42 -1.65 -26.59
CA VAL B 13 -9.37 -2.45 -25.99
CA VAL B 13 -9.38 -2.45 -25.98
C VAL B 13 -9.86 -3.90 -26.05
C VAL B 13 -9.85 -3.90 -26.04
N TYR B 14 -9.01 -4.79 -26.56
CA TYR B 14 -9.38 -6.20 -26.64
C TYR B 14 -8.38 -7.01 -25.83
N THR B 15 -8.89 -8.06 -25.21
CA THR B 15 -8.07 -8.90 -24.35
C THR B 15 -8.28 -10.37 -24.63
N THR B 16 -7.18 -11.12 -24.68
CA THR B 16 -7.22 -12.55 -24.89
C THR B 16 -6.46 -13.17 -23.74
N TYR B 17 -6.64 -14.48 -23.53
CA TYR B 17 -6.01 -15.16 -22.40
C TYR B 17 -5.16 -16.35 -22.81
N ASN B 18 -4.05 -16.53 -22.09
CA ASN B 18 -3.14 -17.64 -22.35
C ASN B 18 -2.63 -18.11 -21.00
N THR B 19 -2.79 -19.40 -20.71
CA THR B 19 -2.37 -19.95 -19.44
C THR B 19 -0.98 -20.57 -19.47
N PHE B 20 -0.11 -20.07 -18.59
CA PHE B 20 1.26 -20.56 -18.48
C PHE B 20 1.51 -21.17 -17.12
N ASN B 21 1.69 -22.49 -17.10
CA ASN B 21 1.98 -23.21 -15.87
C ASN B 21 1.04 -22.89 -14.72
N GLY B 22 -0.26 -22.90 -15.01
CA GLY B 22 -1.24 -22.63 -13.96
C GLY B 22 -1.65 -21.17 -13.83
N THR B 23 -0.87 -20.26 -14.37
CA THR B 23 -1.20 -18.84 -14.28
C THR B 23 -1.87 -18.37 -15.57
N LYS B 24 -3.12 -17.92 -15.45
CA LYS B 24 -3.85 -17.45 -16.61
C LYS B 24 -3.50 -15.99 -16.84
N TYR B 25 -2.74 -15.74 -17.89
CA TYR B 25 -2.32 -14.39 -18.24
C TYR B 25 -3.24 -13.77 -19.27
N ALA B 26 -3.44 -12.47 -19.16
CA ALA B 26 -4.26 -11.77 -20.12
C ALA B 26 -3.32 -10.91 -20.95
N ALA B 27 -3.65 -10.72 -22.21
CA ALA B 27 -2.85 -9.87 -23.10
C ALA B 27 -3.81 -8.81 -23.61
N ASN B 28 -3.44 -7.54 -23.44
CA ASN B 28 -4.29 -6.44 -23.88
C ASN B 28 -3.71 -5.71 -25.08
N ALA B 29 -4.59 -5.31 -25.99
CA ALA B 29 -4.19 -4.56 -27.17
C ALA B 29 -5.37 -3.68 -27.54
N VAL B 30 -5.28 -2.97 -28.66
CA VAL B 30 -6.38 -2.12 -29.07
C VAL B 30 -6.59 -2.16 -30.57
N TYR B 31 -7.78 -1.76 -30.99
CA TYR B 31 -8.08 -1.64 -32.41
C TYR B 31 -8.91 -0.38 -32.56
N LEU B 32 -8.76 0.25 -33.72
CA LEU B 32 -9.43 1.50 -34.02
C LEU B 32 -10.33 1.35 -35.23
N VAL B 33 -11.57 1.78 -35.10
CA VAL B 33 -12.51 1.69 -36.22
C VAL B 33 -12.52 3.04 -36.94
N THR B 34 -12.16 3.02 -38.22
CA THR B 34 -12.13 4.25 -39.00
C THR B 34 -13.09 4.13 -40.19
N ASP B 35 -13.26 5.23 -40.92
CA ASP B 35 -14.15 5.24 -42.07
C ASP B 35 -13.60 4.42 -43.24
N LYS B 36 -12.32 4.03 -43.14
CA LYS B 36 -11.68 3.24 -44.18
C LYS B 36 -11.54 1.77 -43.78
N GLY B 37 -11.79 1.48 -42.51
CA GLY B 37 -11.67 0.12 -42.04
C GLY B 37 -11.10 0.07 -40.63
N VAL B 38 -10.76 -1.12 -40.16
CA VAL B 38 -10.24 -1.29 -38.81
C VAL B 38 -8.72 -1.46 -38.74
N VAL B 39 -8.11 -0.73 -37.81
CA VAL B 39 -6.66 -0.80 -37.58
C VAL B 39 -6.47 -1.63 -36.32
N VAL B 40 -5.74 -2.73 -36.43
CA VAL B 40 -5.48 -3.59 -35.28
C VAL B 40 -4.05 -3.48 -34.81
N ILE B 41 -3.86 -3.18 -33.53
CA ILE B 41 -2.54 -3.11 -32.93
C ILE B 41 -2.30 -4.48 -32.28
N ASP B 42 -1.14 -5.06 -32.55
CA ASP B 42 -0.76 -6.37 -32.02
C ASP B 42 -1.70 -7.49 -32.45
N CYS B 43 -1.90 -8.50 -31.61
CA CYS B 43 -2.75 -9.62 -32.01
C CYS B 43 -3.23 -10.46 -30.85
N PRO B 44 -4.21 -11.33 -31.10
CA PRO B 44 -4.69 -12.18 -30.02
C PRO B 44 -3.53 -13.09 -29.62
N TRP B 45 -3.46 -13.44 -28.35
CA TRP B 45 -2.39 -14.29 -27.86
C TRP B 45 -2.71 -15.76 -28.11
N GLY B 46 -2.33 -16.23 -29.29
CA GLY B 46 -2.59 -17.60 -29.69
C GLY B 46 -3.21 -17.61 -31.07
N GLU B 47 -2.56 -18.29 -32.02
CA GLU B 47 -3.05 -18.35 -33.39
C GLU B 47 -4.45 -18.95 -33.52
N ASP B 48 -4.83 -19.80 -32.58
CA ASP B 48 -6.14 -20.42 -32.61
C ASP B 48 -7.24 -19.43 -32.24
N LYS B 49 -6.85 -18.17 -32.07
CA LYS B 49 -7.82 -17.14 -31.70
C LYS B 49 -7.95 -16.04 -32.74
N PHE B 50 -7.16 -16.10 -33.80
CA PHE B 50 -7.21 -15.06 -34.83
C PHE B 50 -8.56 -14.97 -35.54
N LYS B 51 -9.09 -16.11 -35.99
CA LYS B 51 -10.36 -16.11 -36.69
C LYS B 51 -11.50 -15.66 -35.76
N SER B 52 -11.47 -16.16 -34.53
N SER B 52 -11.47 -16.16 -34.53
CA SER B 52 -12.49 -15.79 -33.56
CA SER B 52 -12.50 -15.79 -33.57
C SER B 52 -12.48 -14.28 -33.34
C SER B 52 -12.47 -14.28 -33.33
N PHE B 53 -11.28 -13.71 -33.33
CA PHE B 53 -11.12 -12.27 -33.13
C PHE B 53 -11.72 -11.46 -34.29
N THR B 54 -11.36 -11.78 -35.52
CA THR B 54 -11.93 -11.02 -36.63
C THR B 54 -13.42 -11.30 -36.77
N ASP B 55 -13.87 -12.47 -36.32
CA ASP B 55 -15.29 -12.77 -36.36
C ASP B 55 -16.01 -11.79 -35.43
N GLU B 56 -15.39 -11.49 -34.29
CA GLU B 56 -15.97 -10.56 -33.33
C GLU B 56 -16.01 -9.15 -33.90
N ILE B 57 -14.97 -8.81 -34.66
N ILE B 57 -14.97 -8.79 -34.65
CA ILE B 57 -14.89 -7.49 -35.29
CA ILE B 57 -14.92 -7.46 -35.26
C ILE B 57 -16.06 -7.33 -36.25
C ILE B 57 -16.08 -7.32 -36.26
N TYR B 58 -16.35 -8.38 -37.01
CA TYR B 58 -17.44 -8.34 -37.97
C TYR B 58 -18.78 -8.26 -37.24
N LYS B 59 -18.93 -9.05 -36.19
CA LYS B 59 -20.18 -9.05 -35.43
C LYS B 59 -20.48 -7.69 -34.82
N LYS B 60 -19.45 -7.05 -34.28
CA LYS B 60 -19.64 -5.75 -33.63
C LYS B 60 -19.64 -4.54 -34.56
N HIS B 61 -18.90 -4.62 -35.66
CA HIS B 61 -18.78 -3.47 -36.57
C HIS B 61 -19.12 -3.67 -38.03
N GLY B 62 -19.09 -4.93 -38.49
CA GLY B 62 -19.39 -5.21 -39.88
C GLY B 62 -18.37 -4.55 -40.80
N LYS B 63 -17.12 -4.53 -40.35
CA LYS B 63 -16.04 -3.91 -41.13
C LYS B 63 -14.84 -4.82 -41.33
N LYS B 64 -13.92 -4.35 -42.15
CA LYS B 64 -12.73 -5.11 -42.52
C LYS B 64 -11.46 -4.57 -41.87
N VAL B 65 -10.57 -5.48 -41.50
CA VAL B 65 -9.29 -5.11 -40.90
C VAL B 65 -8.35 -4.72 -42.05
N ILE B 66 -7.94 -3.47 -42.08
CA ILE B 66 -7.08 -2.96 -43.16
C ILE B 66 -5.62 -2.73 -42.78
N MET B 67 -5.28 -2.88 -41.52
CA MET B 67 -3.91 -2.63 -41.08
C MET B 67 -3.61 -3.34 -39.77
N ASN B 68 -2.38 -3.82 -39.65
CA ASN B 68 -1.92 -4.47 -38.41
C ASN B 68 -0.53 -3.92 -38.13
N ILE B 69 -0.29 -3.57 -36.87
CA ILE B 69 1.01 -3.04 -36.45
C ILE B 69 1.47 -3.82 -35.22
N ALA B 70 2.66 -4.42 -35.29
CA ALA B 70 3.22 -5.19 -34.16
C ALA B 70 4.12 -4.28 -33.34
N THR B 71 3.95 -4.30 -32.00
CA THR B 71 4.75 -3.43 -31.13
C THR B 71 6.05 -4.03 -30.59
N HIS B 72 6.29 -5.30 -30.92
CA HIS B 72 7.55 -6.00 -30.65
C HIS B 72 7.43 -7.40 -31.22
N SER B 73 8.52 -8.16 -31.23
CA SER B 73 8.53 -9.47 -31.88
C SER B 73 7.80 -10.65 -31.27
N HIS B 74 7.40 -10.56 -30.01
CA HIS B 74 6.76 -11.70 -29.37
C HIS B 74 5.38 -12.08 -29.89
N ASP B 75 5.02 -13.33 -29.62
CA ASP B 75 3.76 -13.94 -30.08
C ASP B 75 2.49 -13.15 -29.81
N ASP B 76 2.46 -12.38 -28.72
CA ASP B 76 1.28 -11.61 -28.39
C ASP B 76 1.21 -10.26 -29.11
N ARG B 77 2.22 -9.98 -29.94
CA ARG B 77 2.27 -8.72 -30.67
C ARG B 77 2.46 -8.91 -32.17
N ALA B 78 3.39 -9.78 -32.55
CA ALA B 78 3.68 -10.03 -33.95
C ALA B 78 3.18 -11.39 -34.46
N GLY B 79 2.56 -12.17 -33.59
CA GLY B 79 2.09 -13.47 -33.98
C GLY B 79 1.06 -13.51 -35.09
N GLY B 80 0.35 -12.41 -35.29
CA GLY B 80 -0.66 -12.36 -36.32
C GLY B 80 -0.27 -11.74 -37.64
N LEU B 81 1.01 -11.42 -37.82
CA LEU B 81 1.44 -10.81 -39.07
C LEU B 81 1.12 -11.63 -40.32
N GLU B 82 1.29 -12.95 -40.24
CA GLU B 82 0.99 -13.80 -41.39
C GLU B 82 -0.52 -13.81 -41.66
N TYR B 83 -1.30 -14.01 -40.60
CA TYR B 83 -2.76 -14.04 -40.72
C TYR B 83 -3.35 -12.75 -41.27
N PHE B 84 -2.99 -11.62 -40.65
CA PHE B 84 -3.52 -10.35 -41.10
C PHE B 84 -3.09 -10.03 -42.52
N GLY B 85 -1.89 -10.46 -42.90
CA GLY B 85 -1.45 -10.22 -44.26
C GLY B 85 -2.30 -11.04 -45.22
N LYS B 86 -2.58 -12.28 -44.83
CA LYS B 86 -3.37 -13.19 -45.66
C LYS B 86 -4.78 -12.67 -45.91
N ILE B 87 -5.39 -12.04 -44.91
CA ILE B 87 -6.75 -11.53 -45.09
C ILE B 87 -6.83 -10.14 -45.73
N GLY B 88 -5.70 -9.66 -46.23
CA GLY B 88 -5.68 -8.38 -46.92
C GLY B 88 -5.23 -7.12 -46.22
N ALA B 89 -4.88 -7.22 -44.95
CA ALA B 89 -4.45 -6.04 -44.21
C ALA B 89 -3.01 -5.65 -44.53
N LYS B 90 -2.71 -4.37 -44.45
N LYS B 90 -2.71 -4.36 -44.43
CA LYS B 90 -1.34 -3.89 -44.68
CA LYS B 90 -1.36 -3.86 -44.66
C LYS B 90 -0.66 -4.03 -43.32
C LYS B 90 -0.65 -4.02 -43.32
N THR B 91 0.43 -4.79 -43.29
CA THR B 91 1.15 -5.02 -42.03
C THR B 91 2.45 -4.25 -41.86
N TYR B 92 2.69 -3.81 -40.62
CA TYR B 92 3.86 -3.01 -40.26
C TYR B 92 4.56 -3.45 -38.97
N SER B 93 5.85 -3.14 -38.91
CA SER B 93 6.67 -3.37 -37.73
C SER B 93 7.89 -2.47 -37.89
N THR B 94 8.64 -2.28 -36.81
CA THR B 94 9.84 -1.46 -36.92
C THR B 94 10.90 -2.33 -37.60
N LYS B 95 11.98 -1.72 -38.04
CA LYS B 95 13.05 -2.48 -38.67
C LYS B 95 13.76 -3.37 -37.65
N MET B 96 13.86 -2.91 -36.41
CA MET B 96 14.52 -3.72 -35.39
C MET B 96 13.69 -4.98 -35.13
N THR B 97 12.37 -4.82 -35.05
CA THR B 97 11.49 -5.95 -34.82
C THR B 97 11.58 -6.92 -36.00
N ASP B 98 11.66 -6.37 -37.20
CA ASP B 98 11.76 -7.19 -38.40
C ASP B 98 13.02 -8.06 -38.37
N SER B 99 14.12 -7.48 -37.91
N SER B 99 14.12 -7.49 -37.91
CA SER B 99 15.39 -8.20 -37.82
CA SER B 99 15.38 -8.23 -37.84
C SER B 99 15.29 -9.37 -36.84
C SER B 99 15.28 -9.38 -36.84
N ILE B 100 14.61 -9.14 -35.72
CA ILE B 100 14.44 -10.18 -34.72
C ILE B 100 13.56 -11.30 -35.27
N LEU B 101 12.46 -10.94 -35.92
CA LEU B 101 11.56 -11.94 -36.49
C LEU B 101 12.27 -12.77 -37.55
N ALA B 102 13.09 -12.13 -38.37
CA ALA B 102 13.84 -12.83 -39.41
C ALA B 102 14.79 -13.83 -38.77
N LYS B 103 15.50 -13.39 -37.74
CA LYS B 103 16.44 -14.26 -37.03
C LYS B 103 15.74 -15.47 -36.42
N GLU B 104 14.53 -15.27 -35.92
CA GLU B 104 13.76 -16.34 -35.30
C GLU B 104 12.93 -17.15 -36.30
N ASN B 105 13.06 -16.81 -37.58
CA ASN B 105 12.33 -17.49 -38.64
C ASN B 105 10.82 -17.41 -38.46
N LYS B 106 10.34 -16.25 -38.02
CA LYS B 106 8.91 -16.01 -37.82
C LYS B 106 8.42 -15.13 -38.96
N PRO B 107 7.12 -15.20 -39.30
CA PRO B 107 6.59 -14.37 -40.39
C PRO B 107 6.85 -12.88 -40.10
N ARG B 108 7.14 -12.13 -41.15
CA ARG B 108 7.45 -10.72 -41.02
C ARG B 108 6.40 -9.79 -41.60
N ALA B 109 6.50 -8.51 -41.26
CA ALA B 109 5.57 -7.51 -41.76
C ALA B 109 5.93 -7.14 -43.19
N GLN B 110 4.97 -6.58 -43.91
CA GLN B 110 5.19 -6.19 -45.29
C GLN B 110 5.98 -4.89 -45.37
N TYR B 111 5.71 -3.99 -44.43
CA TYR B 111 6.36 -2.69 -44.40
C TYR B 111 7.05 -2.46 -43.06
N THR B 112 8.21 -1.80 -43.11
CA THR B 112 8.95 -1.52 -41.88
C THR B 112 9.36 -0.05 -41.83
N PHE B 113 9.56 0.45 -40.61
CA PHE B 113 9.97 1.83 -40.43
C PHE B 113 11.01 1.92 -39.31
N ASP B 114 11.78 3.01 -39.33
CA ASP B 114 12.84 3.24 -38.35
C ASP B 114 12.37 3.73 -36.98
N ASN B 115 11.89 2.79 -36.18
CA ASN B 115 11.45 3.05 -34.80
C ASN B 115 10.25 3.95 -34.56
N ASN B 116 10.20 5.10 -35.23
CA ASN B 116 9.10 6.05 -35.04
C ASN B 116 8.36 6.33 -36.34
N LYS B 117 7.04 6.48 -36.25
CA LYS B 117 6.24 6.78 -37.43
C LYS B 117 4.86 7.30 -37.06
N SER B 118 4.41 8.31 -37.81
CA SER B 118 3.10 8.90 -37.59
C SER B 118 2.17 8.32 -38.64
N PHE B 119 0.98 7.90 -38.22
CA PHE B 119 0.01 7.32 -39.13
C PHE B 119 -1.25 8.17 -39.26
N LYS B 120 -1.86 8.08 -40.43
CA LYS B 120 -3.10 8.80 -40.72
C LYS B 120 -3.99 7.81 -41.47
N VAL B 121 -5.07 7.38 -40.83
CA VAL B 121 -6.00 6.44 -41.44
C VAL B 121 -7.39 7.04 -41.34
N GLY B 122 -7.98 7.35 -42.49
CA GLY B 122 -9.31 7.94 -42.48
C GLY B 122 -9.19 9.28 -41.79
N LYS B 123 -10.05 9.52 -40.81
CA LYS B 123 -10.05 10.78 -40.07
C LYS B 123 -9.20 10.68 -38.81
N SER B 124 -8.70 9.48 -38.53
CA SER B 124 -7.90 9.24 -37.33
C SER B 124 -6.39 9.36 -37.53
N GLU B 125 -5.70 9.71 -36.45
CA GLU B 125 -4.26 9.84 -36.45
C GLU B 125 -3.69 9.22 -35.18
N PHE B 126 -2.51 8.61 -35.29
CA PHE B 126 -1.86 8.01 -34.14
C PHE B 126 -0.38 7.87 -34.47
N GLN B 127 0.45 7.72 -33.46
CA GLN B 127 1.88 7.59 -33.71
C GLN B 127 2.54 6.49 -32.91
N VAL B 128 3.54 5.87 -33.53
CA VAL B 128 4.31 4.82 -32.89
C VAL B 128 5.58 5.50 -32.41
N TYR B 129 5.90 5.32 -31.13
CA TYR B 129 7.08 5.93 -30.52
C TYR B 129 8.00 4.89 -29.87
N TYR B 130 9.30 5.01 -30.11
CA TYR B 130 10.29 4.11 -29.54
C TYR B 130 10.91 4.82 -28.33
N PRO B 131 10.62 4.33 -27.10
CA PRO B 131 11.14 4.94 -25.87
C PRO B 131 12.53 4.51 -25.44
N GLY B 132 13.03 3.42 -26.03
CA GLY B 132 14.33 2.89 -25.67
C GLY B 132 14.10 1.44 -25.25
N LYS B 133 15.17 0.73 -24.90
CA LYS B 133 15.05 -0.67 -24.50
C LYS B 133 14.38 -0.83 -23.13
N GLY B 134 13.67 -1.95 -22.98
CA GLY B 134 13.00 -2.23 -21.72
C GLY B 134 12.62 -3.69 -21.64
N HIS B 135 11.35 -4.00 -21.89
CA HIS B 135 10.87 -5.37 -21.88
C HIS B 135 11.69 -6.14 -22.92
N THR B 136 11.98 -5.48 -24.04
CA THR B 136 12.82 -6.02 -25.10
C THR B 136 13.53 -4.83 -25.71
N ALA B 137 14.46 -5.08 -26.62
CA ALA B 137 15.18 -3.99 -27.24
C ALA B 137 14.34 -3.23 -28.25
N ASP B 138 13.34 -3.90 -28.83
CA ASP B 138 12.51 -3.30 -29.87
C ASP B 138 11.15 -2.74 -29.47
N ASN B 139 10.74 -2.93 -28.22
CA ASN B 139 9.42 -2.45 -27.81
C ASN B 139 9.08 -1.00 -28.13
N VAL B 140 7.87 -0.79 -28.65
CA VAL B 140 7.37 0.55 -28.96
C VAL B 140 5.98 0.71 -28.36
N VAL B 141 5.55 1.97 -28.25
CA VAL B 141 4.24 2.29 -27.71
C VAL B 141 3.46 3.04 -28.81
N VAL B 142 2.14 3.07 -28.67
CA VAL B 142 1.30 3.74 -29.65
C VAL B 142 0.44 4.80 -28.96
N TRP B 143 0.51 6.01 -29.48
CA TRP B 143 -0.23 7.13 -28.91
C TRP B 143 -1.36 7.61 -29.81
N PHE B 144 -2.54 7.74 -29.24
CA PHE B 144 -3.71 8.23 -29.96
C PHE B 144 -4.01 9.59 -29.33
N PRO B 145 -3.54 10.68 -29.98
CA PRO B 145 -3.73 12.05 -29.50
C PRO B 145 -5.16 12.51 -29.23
N LYS B 146 -6.09 12.20 -30.12
CA LYS B 146 -7.48 12.63 -29.92
C LYS B 146 -8.11 11.98 -28.69
N GLU B 147 -7.95 10.67 -28.57
CA GLU B 147 -8.52 9.93 -27.44
C GLU B 147 -7.65 10.02 -26.19
N LYS B 148 -6.41 10.49 -26.36
CA LYS B 148 -5.44 10.60 -25.28
C LYS B 148 -5.22 9.24 -24.60
N VAL B 149 -5.01 8.24 -25.44
CA VAL B 149 -4.77 6.87 -24.97
C VAL B 149 -3.38 6.43 -25.39
N LEU B 150 -2.61 5.96 -24.42
CA LEU B 150 -1.26 5.48 -24.69
C LEU B 150 -1.28 3.96 -24.54
N VAL B 151 -1.04 3.26 -25.65
CA VAL B 151 -1.01 1.81 -25.63
C VAL B 151 0.43 1.45 -25.30
N GLY B 152 0.65 1.04 -24.05
CA GLY B 152 1.99 0.74 -23.58
C GLY B 152 2.63 -0.56 -23.98
N GLY B 153 1.84 -1.60 -24.19
CA GLY B 153 2.44 -2.86 -24.55
C GLY B 153 3.13 -3.43 -23.34
N CYS B 154 4.01 -4.38 -23.58
CA CYS B 154 4.67 -5.08 -22.49
C CYS B 154 5.77 -4.34 -21.73
N ILE B 155 6.09 -3.11 -22.15
CA ILE B 155 7.09 -2.33 -21.43
C ILE B 155 6.40 -1.75 -20.19
N ILE B 156 5.07 -1.79 -20.16
CA ILE B 156 4.31 -1.30 -19.01
C ILE B 156 3.65 -2.49 -18.33
N LYS B 157 3.96 -2.72 -17.06
CA LYS B 157 3.38 -3.82 -16.30
C LYS B 157 2.09 -3.36 -15.62
N SER B 158 1.18 -4.30 -15.38
N SER B 158 1.19 -4.31 -15.38
CA SER B 158 -0.07 -3.97 -14.72
CA SER B 158 -0.06 -4.00 -14.71
C SER B 158 0.22 -3.66 -13.26
C SER B 158 0.22 -3.67 -13.24
N ALA B 159 -0.70 -2.96 -12.61
CA ALA B 159 -0.52 -2.59 -11.22
C ALA B 159 -0.58 -3.83 -10.32
N ASP B 160 -1.20 -4.90 -10.80
CA ASP B 160 -1.29 -6.12 -10.01
C ASP B 160 -0.22 -7.15 -10.37
N SER B 161 0.76 -6.73 -11.15
CA SER B 161 1.84 -7.64 -11.54
C SER B 161 2.73 -7.98 -10.35
N LYS B 162 3.01 -9.27 -10.18
CA LYS B 162 3.86 -9.74 -9.09
C LYS B 162 5.33 -9.56 -9.43
N ASP B 163 5.66 -9.81 -10.69
CA ASP B 163 7.04 -9.67 -11.17
C ASP B 163 7.08 -9.00 -12.54
N LEU B 164 8.27 -8.88 -13.12
CA LEU B 164 8.44 -8.26 -14.42
C LEU B 164 8.00 -9.13 -15.60
N GLY B 165 7.67 -10.38 -15.34
CA GLY B 165 7.24 -11.26 -16.40
C GLY B 165 8.41 -11.87 -17.14
N TYR B 166 8.24 -12.12 -18.44
CA TYR B 166 9.33 -12.71 -19.23
C TYR B 166 10.45 -11.69 -19.44
N ILE B 167 11.61 -11.94 -18.84
CA ILE B 167 12.74 -11.03 -18.98
C ILE B 167 13.95 -11.63 -19.68
N GLY B 168 13.74 -12.76 -20.35
CA GLY B 168 14.84 -13.41 -21.05
C GLY B 168 15.49 -12.56 -22.13
N GLU B 169 14.76 -11.55 -22.61
CA GLU B 169 15.27 -10.67 -23.65
C GLU B 169 15.17 -9.20 -23.23
N ALA B 170 15.03 -8.98 -21.93
CA ALA B 170 14.88 -7.64 -21.39
C ALA B 170 16.18 -6.92 -21.08
N TYR B 171 16.08 -5.60 -20.96
CA TYR B 171 17.20 -4.73 -20.61
C TYR B 171 16.74 -3.97 -19.38
N VAL B 172 16.79 -4.64 -18.23
CA VAL B 172 16.33 -4.04 -16.98
C VAL B 172 17.05 -2.76 -16.59
N ASN B 173 18.31 -2.62 -16.98
CA ASN B 173 19.07 -1.42 -16.62
C ASN B 173 18.74 -0.20 -17.50
N ASP B 174 17.98 -0.44 -18.57
CA ASP B 174 17.59 0.64 -19.48
C ASP B 174 16.11 0.93 -19.36
N TRP B 175 15.38 -0.01 -18.77
CA TRP B 175 13.92 0.05 -18.63
C TRP B 175 13.39 1.29 -17.93
N THR B 176 14.01 1.69 -16.83
CA THR B 176 13.54 2.87 -16.10
C THR B 176 13.56 4.14 -16.96
N GLN B 177 14.68 4.41 -17.62
CA GLN B 177 14.79 5.60 -18.46
C GLN B 177 13.73 5.57 -19.56
N SER B 178 13.54 4.40 -20.18
CA SER B 178 12.55 4.27 -21.24
C SER B 178 11.15 4.59 -20.76
N VAL B 179 10.79 4.11 -19.57
CA VAL B 179 9.46 4.39 -19.03
C VAL B 179 9.37 5.88 -18.65
N HIS B 180 10.44 6.44 -18.12
CA HIS B 180 10.42 7.87 -17.78
C HIS B 180 10.20 8.67 -19.07
N ASN B 181 10.77 8.19 -20.17
CA ASN B 181 10.61 8.89 -21.45
C ASN B 181 9.15 8.89 -21.88
N ILE B 182 8.47 7.76 -21.69
CA ILE B 182 7.07 7.64 -22.06
C ILE B 182 6.21 8.59 -21.21
N GLN B 183 6.42 8.56 -19.90
CA GLN B 183 5.65 9.41 -19.00
C GLN B 183 5.78 10.90 -19.32
N GLN B 184 6.98 11.34 -19.64
CA GLN B 184 7.24 12.74 -19.94
C GLN B 184 6.64 13.20 -21.28
N LYS B 185 6.73 12.35 -22.29
N LYS B 185 6.74 12.36 -22.30
CA LYS B 185 6.23 12.69 -23.62
CA LYS B 185 6.22 12.70 -23.61
C LYS B 185 4.70 12.63 -23.74
C LYS B 185 4.70 12.64 -23.73
N PHE B 186 4.08 11.73 -22.99
CA PHE B 186 2.63 11.57 -23.03
C PHE B 186 2.02 11.80 -21.66
N SER B 187 2.50 12.83 -20.99
CA SER B 187 2.05 13.17 -19.64
C SER B 187 0.54 13.38 -19.48
N GLY B 188 -0.12 13.86 -20.52
CA GLY B 188 -1.55 14.10 -20.42
C GLY B 188 -2.47 12.91 -20.67
N ALA B 189 -1.90 11.73 -20.87
CA ALA B 189 -2.68 10.53 -21.14
C ALA B 189 -3.82 10.31 -20.15
N GLN B 190 -5.01 10.03 -20.68
CA GLN B 190 -6.18 9.77 -19.86
C GLN B 190 -6.19 8.28 -19.53
N TYR B 191 -5.72 7.48 -20.48
CA TYR B 191 -5.65 6.05 -20.30
C TYR B 191 -4.32 5.48 -20.78
N VAL B 192 -3.73 4.64 -19.94
CA VAL B 192 -2.49 3.96 -20.27
C VAL B 192 -2.87 2.49 -20.22
N VAL B 193 -2.59 1.76 -21.29
CA VAL B 193 -2.93 0.34 -21.37
C VAL B 193 -1.71 -0.58 -21.24
N ALA B 194 -1.65 -1.30 -20.12
CA ALA B 194 -0.56 -2.23 -19.87
C ALA B 194 -0.71 -3.42 -20.81
N GLY B 195 0.41 -4.02 -21.21
CA GLY B 195 0.37 -5.14 -22.14
C GLY B 195 -0.28 -6.41 -21.62
N HIS B 196 -0.22 -6.63 -20.31
CA HIS B 196 -0.79 -7.84 -19.72
C HIS B 196 -1.66 -7.57 -18.50
N ASP B 197 -2.54 -8.53 -18.21
CA ASP B 197 -3.45 -8.48 -17.07
C ASP B 197 -4.25 -7.20 -16.91
N ASP B 198 -4.69 -6.90 -15.68
CA ASP B 198 -5.49 -5.69 -15.49
C ASP B 198 -4.79 -4.43 -15.95
N TRP B 199 -5.41 -3.68 -16.84
CA TRP B 199 -4.83 -2.44 -17.33
C TRP B 199 -5.52 -1.21 -16.76
N LYS B 200 -6.74 -1.38 -16.27
CA LYS B 200 -7.51 -0.26 -15.75
C LYS B 200 -6.86 0.58 -14.63
N ASP B 201 -6.16 -0.07 -13.70
CA ASP B 201 -5.50 0.67 -12.62
C ASP B 201 -4.39 1.50 -13.25
N GLN B 202 -4.53 2.82 -13.21
CA GLN B 202 -3.55 3.72 -13.82
C GLN B 202 -2.24 3.95 -13.07
N ARG B 203 -1.97 3.11 -12.08
CA ARG B 203 -0.72 3.22 -11.34
C ARG B 203 0.26 2.23 -11.95
N SER B 204 -0.08 1.74 -13.15
CA SER B 204 0.75 0.77 -13.85
C SER B 204 2.17 1.27 -14.13
N ILE B 205 2.32 2.51 -14.56
CA ILE B 205 3.63 3.05 -14.87
C ILE B 205 4.54 3.17 -13.64
N GLN B 206 4.11 3.92 -12.64
CA GLN B 206 4.93 4.06 -11.45
C GLN B 206 5.16 2.70 -10.78
N HIS B 207 4.23 1.76 -10.95
CA HIS B 207 4.40 0.43 -10.37
C HIS B 207 5.44 -0.37 -11.16
N THR B 208 5.49 -0.15 -12.47
CA THR B 208 6.47 -0.83 -13.31
C THR B 208 7.83 -0.41 -12.80
N LEU B 209 7.94 0.87 -12.45
CA LEU B 209 9.19 1.39 -11.93
C LEU B 209 9.55 0.71 -10.62
N ASP B 210 8.53 0.42 -9.81
CA ASP B 210 8.76 -0.26 -8.53
C ASP B 210 9.34 -1.65 -8.74
N LEU B 211 8.81 -2.37 -9.72
CA LEU B 211 9.28 -3.72 -10.01
C LEU B 211 10.71 -3.71 -10.56
N ILE B 212 11.04 -2.71 -11.37
CA ILE B 212 12.38 -2.61 -11.93
C ILE B 212 13.37 -2.37 -10.79
N ASN B 213 13.04 -1.44 -9.90
CA ASN B 213 13.92 -1.13 -8.78
C ASN B 213 14.14 -2.36 -7.91
N GLU B 214 13.05 -3.06 -7.59
CA GLU B 214 13.14 -4.25 -6.76
C GLU B 214 14.06 -5.30 -7.39
N TYR B 215 13.96 -5.46 -8.71
CA TYR B 215 14.79 -6.42 -9.41
C TYR B 215 16.26 -6.04 -9.27
N GLN B 216 16.55 -4.75 -9.46
CA GLN B 216 17.92 -4.26 -9.37
C GLN B 216 18.49 -4.37 -7.96
N GLN B 217 17.66 -4.10 -6.95
CA GLN B 217 18.14 -4.17 -5.57
C GLN B 217 18.53 -5.61 -5.21
N LYS B 218 17.73 -6.57 -5.68
CA LYS B 218 18.02 -7.97 -5.41
C LYS B 218 19.29 -8.33 -6.18
N GLN B 219 19.52 -7.60 -7.26
CA GLN B 219 20.70 -7.80 -8.10
C GLN B 219 20.67 -9.14 -8.81
N ASP C 1 15.49 14.06 26.59
CA ASP C 1 14.18 14.53 26.06
C ASP C 1 13.06 13.53 26.30
N VAL C 2 11.91 14.05 26.72
CA VAL C 2 10.74 13.24 26.99
C VAL C 2 9.54 13.94 26.38
N LYS C 3 8.86 13.27 25.46
CA LYS C 3 7.69 13.86 24.81
C LYS C 3 6.44 13.32 25.49
N ILE C 4 5.56 14.23 25.89
CA ILE C 4 4.33 13.85 26.58
C ILE C 4 3.11 14.46 25.89
N GLU C 5 2.14 13.63 25.56
CA GLU C 5 0.93 14.11 24.92
C GLU C 5 -0.31 13.55 25.62
N LYS C 6 -1.31 14.39 25.82
CA LYS C 6 -2.55 13.95 26.45
C LYS C 6 -3.28 13.04 25.46
N LEU C 7 -3.69 11.87 25.92
CA LEU C 7 -4.41 10.93 25.07
C LEU C 7 -5.92 11.09 25.27
N LYS C 8 -6.35 10.93 26.52
CA LYS C 8 -7.77 11.04 26.84
C LYS C 8 -7.94 11.33 28.32
N ASP C 9 -8.59 12.46 28.62
CA ASP C 9 -8.82 12.85 30.00
C ASP C 9 -7.52 12.94 30.78
N ASN C 10 -7.34 12.09 31.78
CA ASN C 10 -6.13 12.12 32.60
C ASN C 10 -5.10 11.06 32.23
N LEU C 11 -5.22 10.53 31.02
CA LEU C 11 -4.29 9.50 30.54
C LEU C 11 -3.35 10.13 29.52
N TYR C 12 -2.05 9.99 29.75
CA TYR C 12 -1.03 10.57 28.88
C TYR C 12 -0.08 9.54 28.29
N VAL C 13 0.37 9.80 27.07
CA VAL C 13 1.33 8.92 26.42
C VAL C 13 2.67 9.62 26.48
N TYR C 14 3.70 8.94 26.96
CA TYR C 14 5.02 9.56 27.02
C TYR C 14 5.97 8.74 26.16
N THR C 15 6.90 9.43 25.52
CA THR C 15 7.86 8.81 24.61
C THR C 15 9.28 9.25 24.88
N THR C 16 10.20 8.30 24.88
CA THR C 16 11.61 8.59 25.06
C THR C 16 12.33 7.97 23.88
N TYR C 17 13.59 8.36 23.67
CA TYR C 17 14.34 7.88 22.51
C TYR C 17 15.66 7.23 22.86
N ASN C 18 16.02 6.20 22.12
CA ASN C 18 17.27 5.48 22.32
C ASN C 18 17.78 5.08 20.94
N THR C 19 19.01 5.46 20.64
CA THR C 19 19.58 5.16 19.34
C THR C 19 20.45 3.91 19.32
N PHE C 20 20.08 2.98 18.43
CA PHE C 20 20.81 1.73 18.27
C PHE C 20 21.42 1.62 16.88
N ASN C 21 22.74 1.68 16.83
CA ASN C 21 23.47 1.54 15.59
C ASN C 21 22.96 2.44 14.47
N GLY C 22 22.76 3.71 14.79
CA GLY C 22 22.29 4.66 13.79
C GLY C 22 20.78 4.84 13.70
N THR C 23 20.03 3.88 14.23
CA THR C 23 18.57 3.96 14.18
C THR C 23 18.05 4.52 15.50
N LYS C 24 17.38 5.67 15.41
CA LYS C 24 16.81 6.30 16.60
C LYS C 24 15.44 5.72 16.86
N TYR C 25 15.35 4.87 17.89
CA TYR C 25 14.10 4.23 18.25
C TYR C 25 13.36 5.00 19.32
N ALA C 26 12.04 4.98 19.24
CA ALA C 26 11.21 5.64 20.24
C ALA C 26 10.55 4.53 21.04
N ALA C 27 10.34 4.78 22.34
CA ALA C 27 9.67 3.84 23.22
C ALA C 27 8.47 4.58 23.77
N ASN C 28 7.28 4.00 23.63
CA ASN C 28 6.06 4.64 24.12
C ASN C 28 5.47 3.92 25.31
N ALA C 29 4.94 4.69 26.25
CA ALA C 29 4.29 4.14 27.43
C ALA C 29 3.25 5.17 27.85
N VAL C 30 2.60 4.93 28.98
CA VAL C 30 1.58 5.86 29.45
C VAL C 30 1.61 6.04 30.95
N TYR C 31 1.04 7.14 31.41
CA TYR C 31 0.91 7.37 32.83
C TYR C 31 -0.48 7.97 33.03
N LEU C 32 -1.04 7.69 34.19
CA LEU C 32 -2.39 8.12 34.55
C LEU C 32 -2.36 9.01 35.78
N VAL C 33 -3.00 10.17 35.67
CA VAL C 33 -3.06 11.09 36.81
C VAL C 33 -4.35 10.83 37.56
N THR C 34 -4.25 10.46 38.83
CA THR C 34 -5.42 10.19 39.65
C THR C 34 -5.43 11.14 40.85
N ASP C 35 -6.53 11.14 41.60
CA ASP C 35 -6.65 11.99 42.76
C ASP C 35 -5.72 11.55 43.88
N LYS C 36 -5.16 10.35 43.75
CA LYS C 36 -4.25 9.80 44.76
C LYS C 36 -2.79 9.96 44.34
N GLY C 37 -2.58 10.27 43.07
CA GLY C 37 -1.22 10.42 42.56
C GLY C 37 -1.10 9.89 41.15
N VAL C 38 0.13 9.80 40.64
CA VAL C 38 0.36 9.33 39.28
C VAL C 38 0.78 7.86 39.18
N VAL C 39 0.16 7.14 38.25
CA VAL C 39 0.47 5.74 38.00
C VAL C 39 1.28 5.71 36.70
N VAL C 40 2.48 5.16 36.76
CA VAL C 40 3.33 5.09 35.58
C VAL C 40 3.45 3.66 35.08
N ILE C 41 3.16 3.47 33.80
CA ILE C 41 3.31 2.16 33.19
C ILE C 41 4.69 2.19 32.50
N ASP C 42 5.46 1.14 32.71
CA ASP C 42 6.80 1.00 32.15
C ASP C 42 7.76 2.11 32.60
N CYS C 43 8.69 2.51 31.73
CA CYS C 43 9.66 3.52 32.13
C CYS C 43 10.39 4.16 30.97
N PRO C 44 11.08 5.28 31.22
CA PRO C 44 11.82 5.93 30.14
C PRO C 44 12.89 4.93 29.68
N TRP C 45 13.27 4.99 28.42
CA TRP C 45 14.26 4.06 27.88
C TRP C 45 15.66 4.64 28.11
N GLY C 46 16.21 4.34 29.28
CA GLY C 46 17.52 4.83 29.67
C GLY C 46 17.45 5.41 31.06
N GLU C 47 18.30 4.91 31.96
CA GLU C 47 18.31 5.36 33.34
C GLU C 47 18.63 6.85 33.49
N ASP C 48 19.44 7.37 32.59
CA ASP C 48 19.81 8.79 32.64
C ASP C 48 18.63 9.70 32.30
N LYS C 49 17.45 9.11 32.17
CA LYS C 49 16.25 9.87 31.84
C LYS C 49 15.15 9.74 32.89
N PHE C 50 15.37 8.95 33.93
CA PHE C 50 14.34 8.78 34.95
C PHE C 50 14.04 10.08 35.70
N LYS C 51 15.07 10.78 36.15
CA LYS C 51 14.86 12.02 36.87
C LYS C 51 14.20 13.07 35.99
N SER C 52 14.64 13.14 34.74
CA SER C 52 14.07 14.10 33.79
C SER C 52 12.58 13.84 33.62
N PHE C 53 12.22 12.55 33.55
CA PHE C 53 10.82 12.17 33.39
C PHE C 53 9.96 12.60 34.58
N THR C 54 10.38 12.28 35.80
CA THR C 54 9.57 12.69 36.95
C THR C 54 9.60 14.21 37.12
N ASP C 55 10.66 14.85 36.65
CA ASP C 55 10.74 16.32 36.72
C ASP C 55 9.62 16.88 35.82
N GLU C 56 9.38 16.23 34.69
CA GLU C 56 8.34 16.65 33.76
C GLU C 56 6.96 16.44 34.37
N ILE C 57 6.81 15.34 35.11
N ILE C 57 6.79 15.34 35.11
CA ILE C 57 5.55 15.03 35.76
CA ILE C 57 5.51 15.06 35.73
C ILE C 57 5.21 16.14 36.74
C ILE C 57 5.20 16.15 36.76
N TYR C 58 6.22 16.57 37.50
CA TYR C 58 6.02 17.64 38.49
C TYR C 58 5.69 18.95 37.78
N LYS C 59 6.42 19.26 36.73
CA LYS C 59 6.20 20.50 35.99
C LYS C 59 4.78 20.58 35.44
N LYS C 60 4.31 19.48 34.85
CA LYS C 60 2.98 19.46 34.26
C LYS C 60 1.82 19.23 35.22
N HIS C 61 2.06 18.49 36.30
CA HIS C 61 0.98 18.15 37.22
C HIS C 61 1.16 18.48 38.69
N GLY C 62 2.40 18.68 39.12
CA GLY C 62 2.64 18.99 40.53
C GLY C 62 2.19 17.86 41.44
N LYS C 63 2.37 16.62 40.96
CA LYS C 63 1.98 15.45 41.72
C LYS C 63 3.09 14.41 41.85
N LYS C 64 2.84 13.39 42.66
CA LYS C 64 3.81 12.34 42.94
C LYS C 64 3.45 11.01 42.29
N VAL C 65 4.49 10.28 41.89
CA VAL C 65 4.31 8.95 41.28
C VAL C 65 4.12 7.96 42.43
N ILE C 66 2.97 7.30 42.46
CA ILE C 66 2.65 6.37 43.52
C ILE C 66 2.66 4.90 43.12
N MET C 67 2.80 4.63 41.82
CA MET C 67 2.78 3.26 41.35
C MET C 67 3.51 3.11 40.02
N ASN C 68 4.19 1.98 39.85
CA ASN C 68 4.89 1.68 38.60
C ASN C 68 4.61 0.22 38.29
N ILE C 69 4.22 -0.07 37.05
CA ILE C 69 3.93 -1.43 36.61
C ILE C 69 4.76 -1.72 35.36
N ALA C 70 5.53 -2.81 35.37
CA ALA C 70 6.37 -3.18 34.22
C ALA C 70 5.60 -4.20 33.38
N THR C 71 5.57 -3.99 32.05
CA THR C 71 4.84 -4.90 31.16
C THR C 71 5.62 -6.08 30.59
N HIS C 72 6.92 -6.09 30.87
CA HIS C 72 7.82 -7.21 30.59
C HIS C 72 9.20 -6.86 31.14
N SER C 73 10.14 -7.80 31.07
CA SER C 73 11.45 -7.61 31.71
C SER C 73 12.48 -6.68 31.10
N HIS C 74 12.29 -6.27 29.85
CA HIS C 74 13.29 -5.44 29.20
C HIS C 74 13.45 -4.03 29.75
N ASP C 75 14.61 -3.43 29.47
CA ASP C 75 14.98 -2.10 29.95
C ASP C 75 13.97 -0.99 29.73
N ASP C 76 13.20 -1.07 28.65
CA ASP C 76 12.21 -0.02 28.37
C ASP C 76 10.89 -0.21 29.11
N ARG C 77 10.81 -1.27 29.93
CA ARG C 77 9.60 -1.56 30.68
C ARG C 77 9.85 -1.73 32.18
N ALA C 78 10.89 -2.50 32.52
CA ALA C 78 11.23 -2.79 33.92
C ALA C 78 12.50 -2.07 34.40
N GLY C 79 13.13 -1.30 33.52
CA GLY C 79 14.35 -0.62 33.89
C GLY C 79 14.25 0.39 35.02
N GLY C 80 13.03 0.87 35.28
CA GLY C 80 12.85 1.85 36.33
C GLY C 80 12.33 1.33 37.65
N LEU C 81 12.23 0.01 37.80
CA LEU C 81 11.72 -0.54 39.05
C LEU C 81 12.51 -0.10 40.29
N GLU C 82 13.83 -0.04 40.18
CA GLU C 82 14.64 0.39 41.32
C GLU C 82 14.42 1.87 41.61
N TYR C 83 14.41 2.68 40.55
CA TYR C 83 14.22 4.12 40.71
C TYR C 83 12.86 4.46 41.31
N PHE C 84 11.80 3.91 40.73
CA PHE C 84 10.46 4.21 41.23
C PHE C 84 10.26 3.70 42.64
N GLY C 85 10.92 2.58 42.98
CA GLY C 85 10.79 2.07 44.33
C GLY C 85 11.48 3.03 45.28
N LYS C 86 12.63 3.52 44.86
CA LYS C 86 13.42 4.45 45.67
C LYS C 86 12.67 5.74 45.99
N ILE C 87 11.91 6.26 45.02
CA ILE C 87 11.18 7.50 45.27
C ILE C 87 9.81 7.31 45.93
N GLY C 88 9.55 6.10 46.43
CA GLY C 88 8.30 5.87 47.15
C GLY C 88 7.12 5.22 46.45
N ALA C 89 7.25 4.91 45.16
CA ALA C 89 6.14 4.29 44.45
C ALA C 89 6.04 2.80 44.75
N LYS C 90 4.81 2.28 44.69
N LYS C 90 4.81 2.28 44.67
CA LYS C 90 4.59 0.86 44.90
CA LYS C 90 4.57 0.87 44.89
C LYS C 90 4.82 0.24 43.53
C LYS C 90 4.82 0.23 43.52
N THR C 91 5.74 -0.72 43.45
CA THR C 91 6.06 -1.35 42.17
C THR C 91 5.51 -2.76 41.96
N TYR C 92 5.09 -3.03 40.73
CA TYR C 92 4.49 -4.31 40.36
C TYR C 92 5.00 -4.90 39.05
N SER C 93 4.96 -6.22 38.97
CA SER C 93 5.31 -6.96 37.75
C SER C 93 4.63 -8.30 37.90
N THR C 94 4.52 -9.05 36.80
CA THR C 94 3.93 -10.38 36.89
C THR C 94 4.99 -11.28 37.52
N LYS C 95 4.58 -12.46 37.95
CA LYS C 95 5.52 -13.40 38.53
C LYS C 95 6.50 -13.91 37.47
N MET C 96 6.02 -14.06 36.23
CA MET C 96 6.89 -14.53 35.17
C MET C 96 7.98 -13.50 34.90
N THR C 97 7.60 -12.23 34.88
CA THR C 97 8.58 -11.17 34.65
C THR C 97 9.57 -11.12 35.80
N ASP C 98 9.07 -11.33 37.02
CA ASP C 98 9.92 -11.31 38.20
C ASP C 98 10.99 -12.41 38.12
N SER C 99 10.59 -13.58 37.64
N SER C 99 10.60 -13.59 37.64
CA SER C 99 11.49 -14.71 37.50
CA SER C 99 11.53 -14.70 37.52
C SER C 99 12.60 -14.40 36.50
C SER C 99 12.62 -14.40 36.50
N ILE C 100 12.25 -13.72 35.41
CA ILE C 100 13.22 -13.37 34.40
C ILE C 100 14.19 -12.32 34.96
N LEU C 101 13.66 -11.31 35.64
CA LEU C 101 14.51 -10.27 36.23
C LEU C 101 15.49 -10.85 37.23
N ALA C 102 15.03 -11.79 38.04
CA ALA C 102 15.89 -12.43 39.04
C ALA C 102 17.03 -13.18 38.35
N LYS C 103 16.69 -13.93 37.31
CA LYS C 103 17.68 -14.70 36.57
C LYS C 103 18.74 -13.77 35.95
N GLU C 104 18.31 -12.60 35.48
CA GLU C 104 19.23 -11.64 34.86
C GLU C 104 19.90 -10.70 35.86
N ASN C 105 19.63 -10.92 37.14
CA ASN C 105 20.20 -10.10 38.22
C ASN C 105 19.84 -8.62 38.08
N LYS C 106 18.60 -8.35 37.68
CA LYS C 106 18.12 -6.99 37.52
C LYS C 106 17.18 -6.68 38.69
N PRO C 107 17.03 -5.39 39.05
CA PRO C 107 16.14 -5.03 40.16
C PRO C 107 14.72 -5.55 39.89
N ARG C 108 14.06 -5.99 40.96
CA ARG C 108 12.72 -6.53 40.84
C ARG C 108 11.64 -5.67 41.48
N ALA C 109 10.39 -5.98 41.17
CA ALA C 109 9.25 -5.26 41.71
C ALA C 109 8.99 -5.71 43.14
N GLN C 110 8.31 -4.85 43.90
CA GLN C 110 7.99 -5.17 45.29
C GLN C 110 6.85 -6.18 45.36
N TYR C 111 5.90 -6.06 44.45
CA TYR C 111 4.73 -6.92 44.42
C TYR C 111 4.57 -7.61 43.07
N THR C 112 4.15 -8.87 43.11
CA THR C 112 3.96 -9.62 41.88
C THR C 112 2.58 -10.26 41.85
N PHE C 113 2.09 -10.55 40.65
CA PHE C 113 0.79 -11.17 40.48
C PHE C 113 0.84 -12.19 39.35
N ASP C 114 -0.11 -13.12 39.35
CA ASP C 114 -0.18 -14.19 38.37
C ASP C 114 -0.77 -13.79 37.02
N ASN C 115 0.05 -13.13 36.20
CA ASN C 115 -0.30 -12.71 34.84
C ASN C 115 -1.41 -11.68 34.65
N ASN C 116 -2.54 -11.84 35.34
CA ASN C 116 -3.67 -10.93 35.19
C ASN C 116 -4.05 -10.28 36.52
N LYS C 117 -4.44 -9.01 36.46
CA LYS C 117 -4.83 -8.27 37.66
C LYS C 117 -5.60 -7.00 37.33
N SER C 118 -6.64 -6.73 38.11
CA SER C 118 -7.44 -5.53 37.92
C SER C 118 -7.01 -4.53 39.00
N PHE C 119 -6.79 -3.29 38.60
CA PHE C 119 -6.37 -2.24 39.51
C PHE C 119 -7.42 -1.16 39.69
N LYS C 120 -7.44 -0.59 40.90
CA LYS C 120 -8.35 0.50 41.24
C LYS C 120 -7.49 1.51 41.98
N VAL C 121 -7.29 2.67 41.37
CA VAL C 121 -6.49 3.73 41.97
C VAL C 121 -7.31 5.01 41.93
N GLY C 122 -7.69 5.49 43.11
CA GLY C 122 -8.51 6.69 43.15
C GLY C 122 -9.84 6.33 42.52
N LYS C 123 -10.29 7.12 41.56
CA LYS C 123 -11.55 6.85 40.88
C LYS C 123 -11.30 6.14 39.55
N SER C 124 -10.04 5.83 39.28
CA SER C 124 -9.67 5.17 38.03
C SER C 124 -9.50 3.66 38.14
N GLU C 125 -9.81 2.98 37.04
CA GLU C 125 -9.68 1.53 36.98
C GLU C 125 -8.98 1.12 35.69
N PHE C 126 -8.19 0.05 35.76
CA PHE C 126 -7.48 -0.46 34.61
C PHE C 126 -7.07 -1.89 34.91
N GLN C 127 -6.82 -2.67 33.86
CA GLN C 127 -6.47 -4.06 34.06
C GLN C 127 -5.27 -4.50 33.24
N VAL C 128 -4.48 -5.38 33.82
CA VAL C 128 -3.32 -5.94 33.14
C VAL C 128 -3.78 -7.30 32.65
N TYR C 129 -3.59 -7.55 31.35
CA TYR C 129 -4.00 -8.81 30.73
C TYR C 129 -2.84 -9.51 30.02
N TYR C 130 -2.73 -10.82 30.24
CA TYR C 130 -1.68 -11.63 29.60
C TYR C 130 -2.31 -12.34 28.41
N PRO C 131 -1.91 -11.95 27.18
CA PRO C 131 -2.46 -12.55 25.95
C PRO C 131 -1.77 -13.84 25.48
N GLY C 132 -0.62 -14.14 26.05
CA GLY C 132 0.15 -15.30 25.64
C GLY C 132 1.51 -14.83 25.20
N LYS C 133 2.38 -15.76 24.80
CA LYS C 133 3.73 -15.40 24.36
C LYS C 133 3.74 -14.66 23.02
N GLY C 134 4.71 -13.78 22.85
CA GLY C 134 4.83 -13.04 21.60
C GLY C 134 6.21 -12.42 21.50
N HIS C 135 6.30 -11.12 21.77
CA HIS C 135 7.56 -10.41 21.76
C HIS C 135 8.49 -11.11 22.76
N THR C 136 7.91 -11.51 23.90
CA THR C 136 8.62 -12.27 24.93
C THR C 136 7.58 -13.20 25.53
N ALA C 137 8.01 -14.10 26.40
CA ALA C 137 7.08 -15.02 27.03
C ALA C 137 6.20 -14.34 28.07
N ASP C 138 6.72 -13.26 28.66
CA ASP C 138 6.01 -12.56 29.74
C ASP C 138 5.23 -11.30 29.38
N ASN C 139 5.27 -10.88 28.13
CA ASN C 139 4.58 -9.64 27.78
C ASN C 139 3.09 -9.55 28.12
N VAL C 140 2.70 -8.42 28.69
CA VAL C 140 1.31 -8.15 29.05
C VAL C 140 0.89 -6.81 28.48
N VAL C 141 -0.42 -6.59 28.42
CA VAL C 141 -0.96 -5.33 27.91
C VAL C 141 -1.80 -4.71 29.03
N VAL C 142 -2.06 -3.41 28.93
CA VAL C 142 -2.85 -2.72 29.94
C VAL C 142 -4.06 -2.06 29.30
N TRP C 143 -5.24 -2.34 29.84
CA TRP C 143 -6.48 -1.79 29.32
C TRP C 143 -7.11 -0.77 30.26
N PHE C 144 -7.50 0.37 29.69
CA PHE C 144 -8.15 1.44 30.45
C PHE C 144 -9.56 1.50 29.86
N PRO C 145 -10.53 0.84 30.53
CA PRO C 145 -11.93 0.79 30.08
C PRO C 145 -12.65 2.13 29.86
N LYS C 146 -12.44 3.08 30.76
CA LYS C 146 -13.11 4.37 30.63
C LYS C 146 -12.61 5.14 29.40
N GLU C 147 -11.29 5.19 29.22
CA GLU C 147 -10.68 5.90 28.11
C GLU C 147 -10.65 5.08 26.82
N LYS C 148 -10.90 3.78 26.93
CA LYS C 148 -10.89 2.88 25.78
C LYS C 148 -9.50 2.87 25.13
N VAL C 149 -8.49 2.79 25.98
CA VAL C 149 -7.11 2.78 25.52
C VAL C 149 -6.42 1.47 25.89
N LEU C 150 -5.85 0.83 24.89
CA LEU C 150 -5.13 -0.42 25.10
C LEU C 150 -3.64 -0.14 24.91
N VAL C 151 -2.88 -0.26 26.00
CA VAL C 151 -1.45 -0.03 25.96
C VAL C 151 -0.85 -1.39 25.58
N GLY C 152 -0.46 -1.51 24.32
CA GLY C 152 0.06 -2.78 23.83
C GLY C 152 1.47 -3.18 24.16
N GLY C 153 2.35 -2.21 24.36
CA GLY C 153 3.71 -2.58 24.66
C GLY C 153 4.38 -3.15 23.43
N CYS C 154 5.48 -3.86 23.64
CA CYS C 154 6.24 -4.39 22.53
C CYS C 154 5.68 -5.58 21.75
N ILE C 155 4.55 -6.11 22.18
CA ILE C 155 3.92 -7.21 21.45
C ILE C 155 3.19 -6.61 20.25
N ILE C 156 3.00 -5.30 20.26
CA ILE C 156 2.36 -4.60 19.14
C ILE C 156 3.40 -3.72 18.46
N LYS C 157 3.65 -3.98 17.17
CA LYS C 157 4.62 -3.20 16.41
C LYS C 157 3.93 -1.99 15.77
N SER C 158 4.70 -0.93 15.54
N SER C 158 4.71 -0.93 15.54
CA SER C 158 4.15 0.27 14.92
CA SER C 158 4.18 0.26 14.90
C SER C 158 3.84 -0.03 13.46
C SER C 158 3.86 -0.03 13.44
N ALA C 159 2.95 0.75 12.86
CA ALA C 159 2.57 0.55 11.48
C ALA C 159 3.73 0.78 10.51
N ASP C 160 4.74 1.53 10.95
CA ASP C 160 5.89 1.81 10.10
C ASP C 160 7.11 0.95 10.43
N SER C 161 6.93 -0.06 11.27
CA SER C 161 8.04 -0.94 11.62
C SER C 161 8.52 -1.73 10.40
N LYS C 162 9.84 -1.76 10.22
CA LYS C 162 10.46 -2.46 9.10
C LYS C 162 10.56 -3.95 9.38
N ASP C 163 10.77 -4.31 10.64
CA ASP C 163 10.88 -5.70 11.05
C ASP C 163 10.26 -5.89 12.43
N LEU C 164 10.37 -7.10 12.99
CA LEU C 164 9.81 -7.39 14.30
C LEU C 164 10.63 -6.83 15.47
N GLY C 165 11.80 -6.25 15.16
CA GLY C 165 12.63 -5.70 16.21
C GLY C 165 13.44 -6.76 16.92
N TYR C 166 13.68 -6.57 18.21
CA TYR C 166 14.46 -7.55 18.97
C TYR C 166 13.66 -8.84 19.20
N ILE C 167 14.10 -9.93 18.57
CA ILE C 167 13.40 -11.20 18.69
C ILE C 167 14.22 -12.31 19.34
N GLY C 168 15.31 -11.92 20.00
CA GLY C 168 16.16 -12.91 20.65
C GLY C 168 15.44 -13.72 21.72
N GLU C 169 14.36 -13.18 22.25
CA GLU C 169 13.60 -13.86 23.30
C GLU C 169 12.13 -14.01 22.90
N ALA C 170 11.85 -13.86 21.61
CA ALA C 170 10.50 -13.94 21.08
C ALA C 170 10.02 -15.35 20.78
N TYR C 171 8.70 -15.48 20.68
CA TYR C 171 8.02 -16.72 20.33
C TYR C 171 7.15 -16.40 19.13
N VAL C 172 7.79 -16.29 17.97
CA VAL C 172 7.09 -15.92 16.74
C VAL C 172 5.95 -16.85 16.36
N ASN C 173 6.04 -18.12 16.72
CA ASN C 173 4.97 -19.07 16.38
C ASN C 173 3.74 -18.97 17.28
N ASP C 174 3.85 -18.21 18.37
CA ASP C 174 2.73 -18.04 19.29
C ASP C 174 2.18 -16.62 19.23
N TRP C 175 2.98 -15.73 18.66
CA TRP C 175 2.67 -14.30 18.56
C TRP C 175 1.34 -13.96 17.89
N THR C 176 1.02 -14.62 16.78
CA THR C 176 -0.24 -14.33 16.09
C THR C 176 -1.46 -14.60 16.96
N GLN C 177 -1.50 -15.76 17.60
CA GLN C 177 -2.64 -16.09 18.46
C GLN C 177 -2.77 -15.07 19.59
N SER C 178 -1.64 -14.68 20.16
CA SER C 178 -1.64 -13.71 21.25
C SER C 178 -2.21 -12.37 20.82
N VAL C 179 -1.83 -11.91 19.63
CA VAL C 179 -2.36 -10.65 19.13
C VAL C 179 -3.85 -10.78 18.80
N HIS C 180 -4.24 -11.94 18.27
CA HIS C 180 -5.65 -12.18 17.97
C HIS C 180 -6.46 -12.14 19.26
N ASN C 181 -5.87 -12.62 20.35
CA ASN C 181 -6.55 -12.62 21.64
C ASN C 181 -6.79 -11.18 22.11
N ILE C 182 -5.80 -10.33 21.93
CA ILE C 182 -5.91 -8.92 22.32
C ILE C 182 -7.01 -8.24 21.50
N GLN C 183 -6.96 -8.45 20.19
CA GLN C 183 -7.91 -7.84 19.27
C GLN C 183 -9.35 -8.18 19.62
N GLN C 184 -9.60 -9.44 19.93
CA GLN C 184 -10.94 -9.92 20.27
C GLN C 184 -11.44 -9.42 21.64
N LYS C 185 -10.57 -9.43 22.63
CA LYS C 185 -10.96 -9.01 23.98
C LYS C 185 -11.16 -7.49 24.14
N PHE C 186 -10.40 -6.70 23.40
CA PHE C 186 -10.50 -5.25 23.48
C PHE C 186 -10.85 -4.66 22.12
N SER C 187 -11.81 -5.31 21.46
CA SER C 187 -12.26 -4.90 20.14
C SER C 187 -12.73 -3.46 20.03
N GLY C 188 -13.31 -2.93 21.10
CA GLY C 188 -13.81 -1.56 21.05
C GLY C 188 -12.80 -0.46 21.38
N ALA C 189 -11.51 -0.79 21.36
CA ALA C 189 -10.47 0.19 21.67
C ALA C 189 -10.45 1.38 20.72
N GLN C 190 -10.39 2.57 21.27
CA GLN C 190 -10.33 3.79 20.46
C GLN C 190 -8.87 4.04 20.10
N TYR C 191 -7.97 3.69 21.02
CA TYR C 191 -6.55 3.87 20.80
C TYR C 191 -5.73 2.66 21.23
N VAL C 192 -4.85 2.21 20.35
CA VAL C 192 -3.95 1.11 20.65
C VAL C 192 -2.57 1.76 20.57
N VAL C 193 -1.78 1.58 21.63
CA VAL C 193 -0.45 2.19 21.69
C VAL C 193 0.66 1.14 21.51
N ALA C 194 1.36 1.23 20.40
CA ALA C 194 2.47 0.33 20.09
C ALA C 194 3.64 0.67 21.01
N GLY C 195 4.43 -0.34 21.39
CA GLY C 195 5.55 -0.12 22.29
C GLY C 195 6.67 0.75 21.75
N HIS C 196 6.88 0.73 20.43
CA HIS C 196 7.94 1.51 19.83
C HIS C 196 7.49 2.32 18.64
N ASP C 197 8.25 3.38 18.36
CA ASP C 197 8.02 4.28 17.25
C ASP C 197 6.63 4.89 17.11
N ASP C 198 6.22 5.22 15.90
CA ASP C 198 4.92 5.87 15.68
C ASP C 198 3.72 5.01 16.06
N TRP C 199 3.06 5.38 17.16
CA TRP C 199 1.91 4.63 17.65
C TRP C 199 0.56 5.13 17.13
N LYS C 200 0.52 6.36 16.67
CA LYS C 200 -0.75 6.94 16.20
C LYS C 200 -1.46 6.19 15.08
N ASP C 201 -0.72 5.64 14.11
CA ASP C 201 -1.35 4.89 13.02
C ASP C 201 -1.98 3.64 13.65
N GLN C 202 -3.30 3.56 13.63
CA GLN C 202 -4.02 2.43 14.23
C GLN C 202 -4.04 1.11 13.47
N ARG C 203 -3.24 1.00 12.42
CA ARG C 203 -3.17 -0.24 11.67
C ARG C 203 -2.02 -1.05 12.25
N SER C 204 -1.56 -0.65 13.43
CA SER C 204 -0.46 -1.33 14.09
C SER C 204 -0.69 -2.82 14.36
N ILE C 205 -1.88 -3.19 14.83
CA ILE C 205 -2.18 -4.59 15.12
C ILE C 205 -2.16 -5.48 13.87
N GLN C 206 -2.92 -5.10 12.85
CA GLN C 206 -2.94 -5.91 11.64
C GLN C 206 -1.57 -5.89 10.94
N HIS C 207 -0.80 -4.82 11.14
CA HIS C 207 0.54 -4.74 10.53
C HIS C 207 1.48 -5.68 11.28
N THR C 208 1.30 -5.79 12.59
CA THR C 208 2.13 -6.67 13.40
C THR C 208 1.93 -8.09 12.85
N LEU C 209 0.68 -8.41 12.53
CA LEU C 209 0.34 -9.72 11.98
C LEU C 209 1.04 -9.93 10.65
N ASP C 210 1.15 -8.86 9.86
CA ASP C 210 1.82 -8.92 8.56
C ASP C 210 3.30 -9.27 8.73
N LEU C 211 3.94 -8.66 9.72
CA LEU C 211 5.36 -8.90 9.97
C LEU C 211 5.63 -10.31 10.47
N ILE C 212 4.73 -10.84 11.30
CA ILE C 212 4.88 -12.19 11.82
C ILE C 212 4.77 -13.17 10.66
N ASN C 213 3.75 -12.99 9.81
CA ASN C 213 3.57 -13.88 8.67
C ASN C 213 4.81 -13.85 7.77
N GLU C 214 5.29 -12.63 7.50
CA GLU C 214 6.46 -12.40 6.68
C GLU C 214 7.64 -13.22 7.20
N TYR C 215 7.89 -13.10 8.50
CA TYR C 215 8.99 -13.81 9.14
C TYR C 215 8.84 -15.32 8.97
N GLN C 216 7.65 -15.85 9.24
CA GLN C 216 7.41 -17.29 9.12
C GLN C 216 7.60 -17.79 7.69
N GLN C 217 7.18 -17.01 6.72
CA GLN C 217 7.32 -17.39 5.31
C GLN C 217 8.79 -17.45 4.90
N ASP D 1 -20.85 -21.10 -16.39
CA ASP D 1 -19.44 -21.33 -16.01
C ASP D 1 -19.26 -21.50 -14.51
N VAL D 2 -18.55 -22.56 -14.14
CA VAL D 2 -18.28 -22.87 -12.74
C VAL D 2 -16.82 -23.23 -12.63
N LYS D 3 -16.06 -22.48 -11.83
CA LYS D 3 -14.64 -22.76 -11.66
C LYS D 3 -14.44 -23.55 -10.39
N ILE D 4 -13.75 -24.68 -10.48
CA ILE D 4 -13.51 -25.53 -9.33
C ILE D 4 -12.01 -25.78 -9.18
N GLU D 5 -11.50 -25.59 -7.96
CA GLU D 5 -10.09 -25.83 -7.70
C GLU D 5 -9.94 -26.56 -6.37
N LYS D 6 -9.05 -27.56 -6.35
CA LYS D 6 -8.82 -28.30 -5.12
C LYS D 6 -8.08 -27.39 -4.15
N LEU D 7 -8.58 -27.31 -2.92
CA LEU D 7 -7.93 -26.47 -1.93
C LEU D 7 -7.02 -27.32 -1.05
N LYS D 8 -7.56 -28.41 -0.52
CA LYS D 8 -6.78 -29.29 0.33
C LYS D 8 -7.46 -30.64 0.48
N ASP D 9 -6.75 -31.71 0.11
CA ASP D 9 -7.27 -33.06 0.20
C ASP D 9 -8.59 -33.19 -0.57
N ASN D 10 -9.68 -33.48 0.11
CA ASN D 10 -10.97 -33.64 -0.56
C ASN D 10 -11.87 -32.41 -0.44
N LEU D 11 -11.27 -31.27 -0.15
CA LEU D 11 -12.01 -30.01 0.00
C LEU D 11 -11.75 -29.15 -1.23
N TYR D 12 -12.82 -28.73 -1.88
CA TYR D 12 -12.72 -27.92 -3.09
C TYR D 12 -13.42 -26.57 -2.99
N VAL D 13 -12.86 -25.57 -3.63
N VAL D 13 -12.86 -25.56 -3.63
CA VAL D 13 -13.46 -24.23 -3.66
CA VAL D 13 -13.46 -24.23 -3.65
C VAL D 13 -14.08 -24.07 -5.04
C VAL D 13 -14.06 -24.04 -5.03
N TYR D 14 -15.34 -23.66 -5.08
CA TYR D 14 -16.00 -23.45 -6.36
C TYR D 14 -16.44 -22.01 -6.47
N THR D 15 -16.39 -21.47 -7.68
CA THR D 15 -16.72 -20.09 -7.92
C THR D 15 -17.65 -19.91 -9.11
N THR D 16 -18.66 -19.07 -8.93
CA THR D 16 -19.59 -18.76 -10.01
C THR D 16 -19.58 -17.24 -10.15
N TYR D 17 -20.09 -16.74 -11.27
CA TYR D 17 -20.06 -15.31 -11.54
C TYR D 17 -21.44 -14.72 -11.81
N ASN D 18 -21.64 -13.50 -11.35
CA ASN D 18 -22.91 -12.79 -11.54
C ASN D 18 -22.57 -11.32 -11.76
N THR D 19 -23.03 -10.77 -12.88
CA THR D 19 -22.74 -9.38 -13.22
C THR D 19 -23.82 -8.41 -12.78
N PHE D 20 -23.41 -7.43 -11.98
CA PHE D 20 -24.32 -6.41 -11.49
C PHE D 20 -23.92 -5.03 -11.99
N ASN D 21 -24.75 -4.47 -12.87
CA ASN D 21 -24.51 -3.13 -13.40
C ASN D 21 -23.10 -2.93 -13.95
N GLY D 22 -22.64 -3.89 -14.74
CA GLY D 22 -21.31 -3.78 -15.34
C GLY D 22 -20.17 -4.41 -14.56
N THR D 23 -20.39 -4.64 -13.26
CA THR D 23 -19.35 -5.25 -12.43
C THR D 23 -19.59 -6.75 -12.32
N LYS D 24 -18.65 -7.54 -12.81
CA LYS D 24 -18.78 -8.98 -12.75
C LYS D 24 -18.24 -9.47 -11.41
N TYR D 25 -19.16 -9.89 -10.55
CA TYR D 25 -18.81 -10.38 -9.22
C TYR D 25 -18.67 -11.89 -9.21
N ALA D 26 -17.75 -12.37 -8.38
CA ALA D 26 -17.56 -13.79 -8.25
C ALA D 26 -18.07 -14.14 -6.87
N ALA D 27 -18.61 -15.35 -6.72
CA ALA D 27 -19.09 -15.84 -5.44
C ALA D 27 -18.34 -17.14 -5.18
N ASN D 28 -17.70 -17.23 -4.02
CA ASN D 28 -16.93 -18.42 -3.67
C ASN D 28 -17.59 -19.22 -2.56
N ALA D 29 -17.49 -20.54 -2.69
CA ALA D 29 -18.04 -21.45 -1.69
C ALA D 29 -17.17 -22.70 -1.75
N VAL D 30 -17.55 -23.73 -1.02
CA VAL D 30 -16.77 -24.96 -1.02
C VAL D 30 -17.64 -26.19 -0.97
N TYR D 31 -17.08 -27.33 -1.37
CA TYR D 31 -17.78 -28.58 -1.27
C TYR D 31 -16.74 -29.60 -0.82
N LEU D 32 -17.21 -30.59 -0.08
CA LEU D 32 -16.37 -31.63 0.47
C LEU D 32 -16.79 -33.00 -0.05
N VAL D 33 -15.82 -33.76 -0.55
CA VAL D 33 -16.10 -35.09 -1.05
C VAL D 33 -15.79 -36.08 0.07
N THR D 34 -16.82 -36.82 0.50
CA THR D 34 -16.65 -37.80 1.57
C THR D 34 -16.99 -39.20 1.04
N ASP D 35 -16.80 -40.20 1.88
CA ASP D 35 -17.07 -41.59 1.51
C ASP D 35 -18.57 -41.86 1.42
N LYS D 36 -19.37 -40.93 1.94
CA LYS D 36 -20.82 -41.05 1.92
C LYS D 36 -21.45 -40.20 0.82
N GLY D 37 -20.66 -39.31 0.23
CA GLY D 37 -21.16 -38.44 -0.80
C GLY D 37 -20.57 -37.05 -0.67
N VAL D 38 -21.12 -36.09 -1.42
CA VAL D 38 -20.62 -34.73 -1.42
C VAL D 38 -21.45 -33.75 -0.57
N VAL D 39 -20.75 -32.95 0.23
CA VAL D 39 -21.39 -31.93 1.06
C VAL D 39 -21.13 -30.59 0.37
N VAL D 40 -22.18 -29.86 0.05
CA VAL D 40 -22.04 -28.57 -0.60
C VAL D 40 -22.40 -27.43 0.34
N ILE D 41 -21.49 -26.48 0.50
CA ILE D 41 -21.75 -25.30 1.31
C ILE D 41 -22.25 -24.23 0.33
N ASP D 42 -23.33 -23.57 0.69
CA ASP D 42 -23.93 -22.52 -0.13
C ASP D 42 -24.40 -23.00 -1.50
N CYS D 43 -24.32 -22.14 -2.52
CA CYS D 43 -24.79 -22.55 -3.83
C CYS D 43 -24.27 -21.67 -4.95
N PRO D 44 -24.45 -22.10 -6.20
CA PRO D 44 -24.00 -21.28 -7.33
C PRO D 44 -24.84 -20.00 -7.30
N TRP D 45 -24.26 -18.90 -7.75
CA TRP D 45 -24.98 -17.63 -7.74
C TRP D 45 -25.83 -17.50 -9.00
N GLY D 46 -27.04 -18.03 -8.93
CA GLY D 46 -27.96 -18.01 -10.06
C GLY D 46 -28.53 -19.40 -10.26
N GLU D 47 -29.86 -19.50 -10.22
CA GLU D 47 -30.54 -20.78 -10.40
C GLU D 47 -30.22 -21.47 -11.72
N ASP D 48 -29.92 -20.69 -12.74
CA ASP D 48 -29.61 -21.24 -14.05
C ASP D 48 -28.24 -21.93 -14.07
N LYS D 49 -27.62 -22.01 -12.89
CA LYS D 49 -26.31 -22.63 -12.78
C LYS D 49 -26.30 -23.87 -11.88
N PHE D 50 -27.42 -24.18 -11.24
CA PHE D 50 -27.47 -25.33 -10.35
C PHE D 50 -27.19 -26.66 -11.03
N LYS D 51 -27.86 -26.91 -12.15
CA LYS D 51 -27.66 -28.16 -12.88
C LYS D 51 -26.24 -28.25 -13.42
N SER D 52 -25.74 -27.13 -13.94
CA SER D 52 -24.38 -27.10 -14.48
C SER D 52 -23.38 -27.44 -13.38
N PHE D 53 -23.64 -26.97 -12.17
CA PHE D 53 -22.76 -27.23 -11.03
C PHE D 53 -22.73 -28.70 -10.65
N THR D 54 -23.90 -29.31 -10.46
CA THR D 54 -23.89 -30.72 -10.09
C THR D 54 -23.41 -31.59 -11.25
N ASP D 55 -23.54 -31.10 -12.48
CA ASP D 55 -23.04 -31.85 -13.63
C ASP D 55 -21.52 -31.91 -13.52
N GLU D 56 -20.92 -30.81 -13.04
CA GLU D 56 -19.47 -30.75 -12.88
C GLU D 56 -19.03 -31.69 -11.77
N ILE D 57 -19.84 -31.77 -10.72
N ILE D 57 -19.82 -31.77 -10.70
CA ILE D 57 -19.54 -32.64 -9.59
CA ILE D 57 -19.48 -32.65 -9.60
C ILE D 57 -19.48 -34.09 -10.09
C ILE D 57 -19.46 -34.10 -10.09
N TYR D 58 -20.43 -34.45 -10.93
CA TYR D 58 -20.48 -35.81 -11.47
C TYR D 58 -19.28 -36.05 -12.38
N LYS D 59 -18.97 -35.08 -13.23
CA LYS D 59 -17.85 -35.20 -14.15
C LYS D 59 -16.52 -35.40 -13.42
N LYS D 60 -16.32 -34.62 -12.36
CA LYS D 60 -15.07 -34.69 -11.61
C LYS D 60 -14.98 -35.80 -10.57
N HIS D 61 -16.11 -36.17 -9.98
CA HIS D 61 -16.11 -37.16 -8.91
C HIS D 61 -17.01 -38.38 -9.04
N GLY D 62 -18.00 -38.31 -9.93
CA GLY D 62 -18.91 -39.43 -10.10
C GLY D 62 -19.65 -39.75 -8.81
N LYS D 63 -19.98 -38.71 -8.05
CA LYS D 63 -20.68 -38.89 -6.78
C LYS D 63 -21.93 -38.03 -6.64
N LYS D 64 -22.67 -38.29 -5.57
CA LYS D 64 -23.93 -37.60 -5.30
C LYS D 64 -23.86 -36.57 -4.17
N VAL D 65 -24.60 -35.49 -4.33
CA VAL D 65 -24.65 -34.44 -3.31
C VAL D 65 -25.65 -34.92 -2.25
N ILE D 66 -25.17 -35.09 -1.03
CA ILE D 66 -26.03 -35.58 0.05
C ILE D 66 -26.38 -34.56 1.12
N MET D 67 -25.79 -33.37 1.04
CA MET D 67 -26.06 -32.34 2.03
C MET D 67 -25.76 -30.96 1.48
N ASN D 68 -26.55 -29.98 1.91
CA ASN D 68 -26.36 -28.59 1.51
C ASN D 68 -26.58 -27.76 2.77
N ILE D 69 -25.68 -26.84 3.04
CA ILE D 69 -25.78 -25.95 4.21
C ILE D 69 -25.68 -24.50 3.72
N ALA D 70 -26.67 -23.68 4.07
CA ALA D 70 -26.66 -22.27 3.67
C ALA D 70 -26.05 -21.44 4.80
N THR D 71 -25.13 -20.53 4.47
CA THR D 71 -24.47 -19.71 5.49
C THR D 71 -25.14 -18.37 5.83
N HIS D 72 -26.19 -18.04 5.07
CA HIS D 72 -27.07 -16.89 5.32
C HIS D 72 -28.16 -16.92 4.26
N SER D 73 -29.16 -16.04 4.40
CA SER D 73 -30.33 -16.07 3.52
C SER D 73 -30.24 -15.61 2.08
N HIS D 74 -29.18 -14.92 1.70
CA HIS D 74 -29.10 -14.41 0.34
C HIS D 74 -28.95 -15.46 -0.75
N ASP D 75 -29.33 -15.07 -1.97
CA ASP D 75 -29.32 -15.93 -3.16
C ASP D 75 -28.04 -16.72 -3.42
N ASP D 76 -26.89 -16.16 -3.04
CA ASP D 76 -25.62 -16.84 -3.27
C ASP D 76 -25.29 -17.87 -2.18
N ARG D 77 -26.17 -18.01 -1.20
CA ARG D 77 -25.94 -18.96 -0.12
C ARG D 77 -27.12 -19.91 0.07
N ALA D 78 -28.34 -19.37 0.09
CA ALA D 78 -29.54 -20.17 0.30
C ALA D 78 -30.38 -20.37 -0.96
N GLY D 79 -29.95 -19.81 -2.07
CA GLY D 79 -30.70 -19.93 -3.31
C GLY D 79 -30.92 -21.35 -3.83
N GLY D 80 -30.07 -22.28 -3.42
CA GLY D 80 -30.19 -23.64 -3.89
C GLY D 80 -30.89 -24.61 -2.98
N LEU D 81 -31.47 -24.13 -1.88
CA LEU D 81 -32.14 -25.03 -0.95
C LEU D 81 -33.25 -25.87 -1.60
N GLU D 82 -34.04 -25.26 -2.47
CA GLU D 82 -35.11 -26.00 -3.14
C GLU D 82 -34.52 -27.05 -4.08
N TYR D 83 -33.57 -26.64 -4.90
CA TYR D 83 -32.92 -27.55 -5.85
C TYR D 83 -32.24 -28.72 -5.17
N PHE D 84 -31.40 -28.44 -4.18
CA PHE D 84 -30.70 -29.53 -3.51
C PHE D 84 -31.66 -30.45 -2.77
N GLY D 85 -32.75 -29.90 -2.25
CA GLY D 85 -33.71 -30.73 -1.57
C GLY D 85 -34.38 -31.65 -2.58
N LYS D 86 -34.68 -31.10 -3.75
CA LYS D 86 -35.32 -31.87 -4.81
C LYS D 86 -34.47 -33.03 -5.29
N ILE D 87 -33.15 -32.85 -5.38
CA ILE D 87 -32.29 -33.94 -5.83
C ILE D 87 -31.88 -34.92 -4.74
N GLY D 88 -32.53 -34.83 -3.58
CA GLY D 88 -32.25 -35.77 -2.50
C GLY D 88 -31.29 -35.42 -1.39
N ALA D 89 -30.71 -34.23 -1.41
CA ALA D 89 -29.78 -33.83 -0.37
C ALA D 89 -30.50 -33.40 0.91
N LYS D 90 -29.84 -33.60 2.05
CA LYS D 90 -30.40 -33.16 3.34
C LYS D 90 -29.97 -31.70 3.43
N THR D 91 -30.93 -30.79 3.60
CA THR D 91 -30.60 -29.37 3.64
C THR D 91 -30.70 -28.74 5.03
N TYR D 92 -29.75 -27.85 5.32
CA TYR D 92 -29.66 -27.18 6.62
C TYR D 92 -29.45 -25.68 6.55
N SER D 93 -29.88 -25.00 7.61
CA SER D 93 -29.70 -23.56 7.78
C SER D 93 -29.91 -23.29 9.25
N THR D 94 -29.49 -22.14 9.73
CA THR D 94 -29.71 -21.81 11.13
C THR D 94 -31.17 -21.42 11.25
N LYS D 95 -31.68 -21.35 12.48
CA LYS D 95 -33.06 -20.95 12.70
C LYS D 95 -33.27 -19.49 12.31
N MET D 96 -32.25 -18.66 12.54
CA MET D 96 -32.37 -17.24 12.21
C MET D 96 -32.49 -17.08 10.70
N THR D 97 -31.68 -17.83 9.96
CA THR D 97 -31.73 -17.77 8.51
C THR D 97 -33.08 -18.27 8.03
N ASP D 98 -33.59 -19.32 8.68
CA ASP D 98 -34.88 -19.88 8.33
C ASP D 98 -35.99 -18.84 8.48
N SER D 99 -35.93 -18.05 9.56
N SER D 99 -35.94 -18.06 9.56
CA SER D 99 -36.93 -17.02 9.82
CA SER D 99 -36.96 -17.03 9.80
C SER D 99 -36.92 -15.95 8.75
C SER D 99 -36.92 -15.94 8.72
N ILE D 100 -35.72 -15.58 8.29
CA ILE D 100 -35.58 -14.56 7.27
C ILE D 100 -36.12 -15.10 5.95
N LEU D 101 -35.78 -16.35 5.61
CA LEU D 101 -36.26 -16.95 4.38
C LEU D 101 -37.79 -17.04 4.37
N ALA D 102 -38.37 -17.44 5.50
CA ALA D 102 -39.82 -17.54 5.61
C ALA D 102 -40.47 -16.18 5.38
N LYS D 103 -39.91 -15.15 6.01
CA LYS D 103 -40.43 -13.80 5.87
C LYS D 103 -40.38 -13.33 4.42
N GLU D 104 -39.32 -13.69 3.69
CA GLU D 104 -39.16 -13.29 2.29
C GLU D 104 -39.83 -14.24 1.31
N ASN D 105 -40.52 -15.25 1.84
CA ASN D 105 -41.22 -16.24 1.01
C ASN D 105 -40.28 -17.00 0.08
N LYS D 106 -39.10 -17.32 0.57
CA LYS D 106 -38.11 -18.07 -0.20
C LYS D 106 -38.08 -19.51 0.31
N PRO D 107 -37.64 -20.45 -0.53
CA PRO D 107 -37.58 -21.86 -0.10
C PRO D 107 -36.72 -22.01 1.15
N ARG D 108 -37.14 -22.88 2.05
CA ARG D 108 -36.42 -23.09 3.30
C ARG D 108 -35.73 -24.45 3.42
N ALA D 109 -34.83 -24.55 4.39
CA ALA D 109 -34.09 -25.79 4.62
C ALA D 109 -34.99 -26.78 5.35
N GLN D 110 -34.67 -28.06 5.23
CA GLN D 110 -35.45 -29.11 5.88
C GLN D 110 -35.16 -29.15 7.37
N TYR D 111 -33.91 -28.91 7.73
CA TYR D 111 -33.48 -28.94 9.13
C TYR D 111 -32.83 -27.64 9.54
N THR D 112 -33.07 -27.23 10.78
CA THR D 112 -32.49 -25.99 11.29
C THR D 112 -31.82 -26.23 12.63
N PHE D 113 -30.86 -25.37 12.96
CA PHE D 113 -30.14 -25.47 14.21
C PHE D 113 -29.90 -24.09 14.79
N ASP D 114 -29.67 -24.03 16.10
CA ASP D 114 -29.45 -22.78 16.81
C ASP D 114 -28.05 -22.17 16.66
N ASN D 115 -27.83 -21.53 15.53
CA ASN D 115 -26.57 -20.84 15.22
C ASN D 115 -25.29 -21.66 15.07
N ASN D 116 -25.04 -22.58 16.01
CA ASN D 116 -23.83 -23.40 15.98
C ASN D 116 -24.13 -24.88 15.92
N LYS D 117 -23.31 -25.61 15.17
CA LYS D 117 -23.47 -27.05 15.04
C LYS D 117 -22.23 -27.73 14.49
N SER D 118 -21.89 -28.87 15.06
CA SER D 118 -20.73 -29.64 14.62
C SER D 118 -21.29 -30.78 13.76
N PHE D 119 -20.66 -31.00 12.60
CA PHE D 119 -21.11 -32.05 11.70
C PHE D 119 -20.09 -33.17 11.54
N LYS D 120 -20.59 -34.37 11.30
CA LYS D 120 -19.77 -35.55 11.08
C LYS D 120 -20.37 -36.26 9.87
N VAL D 121 -19.62 -36.27 8.77
CA VAL D 121 -20.07 -36.92 7.54
C VAL D 121 -18.96 -37.85 7.06
N GLY D 122 -19.23 -39.15 7.10
CA GLY D 122 -18.21 -40.10 6.70
C GLY D 122 -17.07 -39.97 7.69
N LYS D 123 -15.85 -39.83 7.19
CA LYS D 123 -14.69 -39.69 8.07
C LYS D 123 -14.36 -38.22 8.30
N SER D 124 -15.15 -37.33 7.69
CA SER D 124 -14.92 -35.91 7.81
C SER D 124 -15.74 -35.20 8.89
N GLU D 125 -15.17 -34.14 9.42
CA GLU D 125 -15.82 -33.33 10.45
C GLU D 125 -15.64 -31.86 10.14
N PHE D 126 -16.66 -31.07 10.43
CA PHE D 126 -16.61 -29.63 10.22
C PHE D 126 -17.62 -28.98 11.13
N GLN D 127 -17.45 -27.69 11.39
CA GLN D 127 -18.37 -27.00 12.28
C GLN D 127 -18.84 -25.66 11.74
N VAL D 128 -20.10 -25.35 12.01
CA VAL D 128 -20.68 -24.08 11.62
C VAL D 128 -20.62 -23.24 12.88
N TYR D 129 -20.09 -22.02 12.76
CA TYR D 129 -19.94 -21.11 13.90
C TYR D 129 -20.57 -19.75 13.61
N TYR D 130 -21.32 -19.24 14.59
CA TYR D 130 -21.96 -17.93 14.46
C TYR D 130 -21.09 -16.91 15.22
N PRO D 131 -20.44 -15.99 14.48
CA PRO D 131 -19.57 -14.97 15.07
C PRO D 131 -20.25 -13.71 15.60
N GLY D 132 -21.50 -13.50 15.19
CA GLY D 132 -22.24 -12.32 15.57
C GLY D 132 -22.67 -11.64 14.27
N LYS D 133 -23.38 -10.53 14.38
CA LYS D 133 -23.87 -9.81 13.21
C LYS D 133 -22.73 -9.14 12.43
N GLY D 134 -22.91 -9.03 11.13
CA GLY D 134 -21.91 -8.38 10.29
C GLY D 134 -22.51 -8.03 8.94
N HIS D 135 -22.21 -8.83 7.94
CA HIS D 135 -22.74 -8.63 6.60
C HIS D 135 -24.27 -8.69 6.72
N THR D 136 -24.74 -9.58 7.57
CA THR D 136 -26.16 -9.73 7.87
C THR D 136 -26.24 -10.19 9.32
N ALA D 137 -27.45 -10.26 9.86
CA ALA D 137 -27.62 -10.68 11.24
C ALA D 137 -27.39 -12.17 11.43
N ASP D 138 -27.65 -12.94 10.37
CA ASP D 138 -27.56 -14.40 10.42
C ASP D 138 -26.28 -15.06 9.90
N ASN D 139 -25.37 -14.29 9.33
CA ASN D 139 -24.17 -14.91 8.76
C ASN D 139 -23.35 -15.82 9.68
N VAL D 140 -22.95 -16.97 9.13
CA VAL D 140 -22.15 -17.95 9.86
C VAL D 140 -20.96 -18.35 9.00
N VAL D 141 -19.95 -18.93 9.63
CA VAL D 141 -18.76 -19.39 8.92
C VAL D 141 -18.65 -20.90 9.14
N VAL D 142 -17.86 -21.58 8.29
CA VAL D 142 -17.70 -23.02 8.41
C VAL D 142 -16.21 -23.34 8.55
N TRP D 143 -15.89 -24.11 9.58
CA TRP D 143 -14.52 -24.49 9.86
C TRP D 143 -14.26 -25.97 9.61
N PHE D 144 -13.20 -26.25 8.87
CA PHE D 144 -12.78 -27.61 8.58
C PHE D 144 -11.45 -27.77 9.31
N PRO D 145 -11.48 -28.38 10.51
CA PRO D 145 -10.28 -28.58 11.33
C PRO D 145 -9.13 -29.36 10.71
N LYS D 146 -9.42 -30.44 10.00
CA LYS D 146 -8.34 -31.23 9.39
C LYS D 146 -7.59 -30.46 8.31
N GLU D 147 -8.33 -29.82 7.42
CA GLU D 147 -7.75 -29.04 6.33
C GLU D 147 -7.29 -27.65 6.76
N LYS D 148 -7.77 -27.21 7.93
CA LYS D 148 -7.44 -25.88 8.46
C LYS D 148 -7.97 -24.79 7.52
N VAL D 149 -9.19 -24.99 7.04
CA VAL D 149 -9.81 -24.04 6.15
C VAL D 149 -11.05 -23.41 6.79
N LEU D 150 -11.09 -22.08 6.76
CA LEU D 150 -12.22 -21.34 7.30
C LEU D 150 -12.97 -20.74 6.13
N VAL D 151 -14.20 -21.20 5.92
CA VAL D 151 -15.04 -20.69 4.85
C VAL D 151 -15.75 -19.47 5.46
N GLY D 152 -15.27 -18.28 5.09
CA GLY D 152 -15.81 -17.06 5.65
C GLY D 152 -17.13 -16.53 5.17
N GLY D 153 -17.47 -16.80 3.92
CA GLY D 153 -18.72 -16.29 3.42
C GLY D 153 -18.64 -14.80 3.27
N CYS D 154 -19.79 -14.17 3.18
CA CYS D 154 -19.83 -12.75 2.92
C CYS D 154 -19.47 -11.79 4.05
N ILE D 155 -19.21 -12.33 5.24
CA ILE D 155 -18.80 -11.48 6.36
C ILE D 155 -17.32 -11.15 6.17
N ILE D 156 -16.67 -11.86 5.25
N ILE D 156 -16.66 -11.86 5.25
CA ILE D 156 -15.26 -11.62 4.96
CA ILE D 156 -15.25 -11.60 4.97
C ILE D 156 -15.14 -11.10 3.52
C ILE D 156 -15.13 -11.10 3.53
N LYS D 157 -14.61 -9.89 3.37
CA LYS D 157 -14.44 -9.28 2.05
C LYS D 157 -13.09 -9.67 1.47
N SER D 158 -13.01 -9.71 0.15
N SER D 158 -13.00 -9.69 0.15
CA SER D 158 -11.74 -10.05 -0.51
CA SER D 158 -11.77 -10.01 -0.54
C SER D 158 -10.79 -8.89 -0.28
C SER D 158 -10.78 -8.87 -0.30
N ALA D 159 -9.49 -9.16 -0.39
CA ALA D 159 -8.47 -8.15 -0.18
C ALA D 159 -8.55 -7.05 -1.24
N ASP D 160 -9.17 -7.35 -2.38
CA ASP D 160 -9.29 -6.39 -3.47
C ASP D 160 -10.64 -5.67 -3.53
N SER D 161 -11.49 -5.90 -2.53
N SER D 161 -11.49 -5.90 -2.54
CA SER D 161 -12.80 -5.27 -2.50
CA SER D 161 -12.80 -5.27 -2.50
C SER D 161 -12.69 -3.74 -2.41
C SER D 161 -12.70 -3.75 -2.40
N LYS D 162 -13.51 -3.06 -3.20
CA LYS D 162 -13.51 -1.60 -3.23
C LYS D 162 -14.33 -1.06 -2.06
N ASP D 163 -15.47 -1.71 -1.81
CA ASP D 163 -16.35 -1.31 -0.72
C ASP D 163 -16.86 -2.55 0.02
N LEU D 164 -17.78 -2.35 0.98
CA LEU D 164 -18.32 -3.45 1.75
C LEU D 164 -19.36 -4.29 1.00
N GLY D 165 -19.72 -3.87 -0.21
CA GLY D 165 -20.69 -4.61 -0.99
C GLY D 165 -22.11 -4.28 -0.57
N TYR D 166 -23.01 -5.26 -0.66
CA TYR D 166 -24.40 -5.04 -0.29
C TYR D 166 -24.53 -4.91 1.23
N ILE D 167 -24.89 -3.71 1.69
CA ILE D 167 -25.03 -3.48 3.12
C ILE D 167 -26.44 -3.10 3.55
N GLY D 168 -27.41 -3.35 2.69
CA GLY D 168 -28.79 -3.02 3.03
C GLY D 168 -29.30 -3.75 4.26
N GLU D 169 -28.68 -4.86 4.61
CA GLU D 169 -29.09 -5.65 5.76
C GLU D 169 -27.94 -5.89 6.73
N ALA D 170 -26.88 -5.10 6.59
CA ALA D 170 -25.69 -5.22 7.42
C ALA D 170 -25.77 -4.50 8.75
N TYR D 171 -24.87 -4.90 9.65
CA TYR D 171 -24.74 -4.31 10.97
C TYR D 171 -23.28 -3.89 11.08
N VAL D 172 -22.95 -2.78 10.44
CA VAL D 172 -21.58 -2.29 10.40
C VAL D 172 -20.95 -2.04 11.77
N ASN D 173 -21.76 -1.65 12.75
CA ASN D 173 -21.22 -1.37 14.08
C ASN D 173 -20.94 -2.63 14.89
N ASP D 174 -21.37 -3.78 14.38
CA ASP D 174 -21.14 -5.05 15.07
C ASP D 174 -20.15 -5.91 14.31
N TRP D 175 -19.94 -5.57 13.05
CA TRP D 175 -19.08 -6.32 12.13
C TRP D 175 -17.63 -6.53 12.60
N THR D 176 -17.01 -5.50 13.14
CA THR D 176 -15.63 -5.62 13.61
C THR D 176 -15.47 -6.67 14.70
N GLN D 177 -16.32 -6.62 15.73
CA GLN D 177 -16.24 -7.59 16.81
C GLN D 177 -16.43 -9.00 16.27
N SER D 178 -17.39 -9.16 15.36
CA SER D 178 -17.66 -10.47 14.77
C SER D 178 -16.46 -11.04 14.02
N VAL D 179 -15.77 -10.19 13.26
CA VAL D 179 -14.59 -10.64 12.54
C VAL D 179 -13.47 -10.93 13.54
N HIS D 180 -13.33 -10.11 14.57
CA HIS D 180 -12.31 -10.34 15.58
C HIS D 180 -12.56 -11.69 16.24
N ASN D 181 -13.83 -12.06 16.40
CA ASN D 181 -14.16 -13.34 17.02
C ASN D 181 -13.70 -14.49 16.13
N ILE D 182 -13.90 -14.34 14.84
CA ILE D 182 -13.50 -15.38 13.89
C ILE D 182 -11.98 -15.56 13.93
N GLN D 183 -11.26 -14.44 13.85
CA GLN D 183 -9.81 -14.48 13.83
C GLN D 183 -9.20 -15.13 15.08
N GLN D 184 -9.80 -14.87 16.23
CA GLN D 184 -9.30 -15.42 17.49
C GLN D 184 -9.59 -16.92 17.64
N LYS D 185 -10.78 -17.34 17.23
CA LYS D 185 -11.18 -18.74 17.36
C LYS D 185 -10.53 -19.68 16.36
N PHE D 186 -10.25 -19.19 15.16
CA PHE D 186 -9.63 -20.00 14.12
C PHE D 186 -8.31 -19.39 13.67
N SER D 187 -7.53 -18.96 14.65
CA SER D 187 -6.24 -18.32 14.41
C SER D 187 -5.25 -19.12 13.58
N GLY D 188 -5.30 -20.45 13.69
CA GLY D 188 -4.37 -21.28 12.94
C GLY D 188 -4.77 -21.63 11.51
N ALA D 189 -5.79 -20.96 10.98
CA ALA D 189 -6.27 -21.25 9.62
C ALA D 189 -5.18 -21.05 8.57
N GLN D 190 -5.07 -22.01 7.65
CA GLN D 190 -4.10 -21.92 6.56
C GLN D 190 -4.75 -21.17 5.41
N TYR D 191 -6.06 -21.37 5.26
CA TYR D 191 -6.82 -20.72 4.21
C TYR D 191 -8.12 -20.13 4.71
N VAL D 192 -8.36 -18.86 4.39
CA VAL D 192 -9.59 -18.18 4.74
C VAL D 192 -10.21 -17.88 3.39
N VAL D 193 -11.47 -18.29 3.19
CA VAL D 193 -12.15 -18.07 1.91
C VAL D 193 -13.20 -16.97 1.98
N ALA D 194 -12.92 -15.85 1.32
CA ALA D 194 -13.85 -14.72 1.27
C ALA D 194 -15.05 -15.10 0.42
N GLY D 195 -16.22 -14.59 0.77
CA GLY D 195 -17.42 -14.93 0.03
C GLY D 195 -17.48 -14.46 -1.41
N HIS D 196 -16.79 -13.36 -1.71
CA HIS D 196 -16.81 -12.81 -3.06
C HIS D 196 -15.43 -12.46 -3.60
N ASP D 197 -15.34 -12.47 -4.94
CA ASP D 197 -14.12 -12.14 -5.66
C ASP D 197 -12.86 -12.93 -5.29
N ASP D 198 -11.69 -12.34 -5.50
CA ASP D 198 -10.45 -13.06 -5.22
C ASP D 198 -10.28 -13.40 -3.74
N TRP D 199 -10.28 -14.69 -3.44
CA TRP D 199 -10.15 -15.16 -2.07
C TRP D 199 -8.72 -15.55 -1.68
N LYS D 200 -7.88 -15.84 -2.67
CA LYS D 200 -6.52 -16.27 -2.39
C LYS D 200 -5.66 -15.34 -1.54
N ASP D 201 -5.76 -14.02 -1.74
CA ASP D 201 -4.97 -13.10 -0.92
C ASP D 201 -5.49 -13.22 0.50
N GLN D 202 -4.66 -13.74 1.40
CA GLN D 202 -5.05 -13.95 2.80
C GLN D 202 -5.12 -12.73 3.71
N ARG D 203 -5.03 -11.53 3.14
CA ARG D 203 -5.12 -10.32 3.95
C ARG D 203 -6.59 -9.89 3.94
N SER D 204 -7.45 -10.79 3.47
CA SER D 204 -8.88 -10.51 3.38
C SER D 204 -9.49 -10.05 4.70
N ILE D 205 -9.13 -10.70 5.80
CA ILE D 205 -9.67 -10.32 7.11
C ILE D 205 -9.21 -8.91 7.48
N GLN D 206 -7.95 -8.59 7.18
CA GLN D 206 -7.40 -7.28 7.48
C GLN D 206 -8.12 -6.19 6.69
N HIS D 207 -8.27 -6.43 5.39
CA HIS D 207 -8.92 -5.48 4.50
C HIS D 207 -10.36 -5.28 4.92
N THR D 208 -11.02 -6.35 5.36
CA THR D 208 -12.41 -6.24 5.80
C THR D 208 -12.49 -5.24 6.94
N LEU D 209 -11.60 -5.38 7.91
CA LEU D 209 -11.58 -4.46 9.05
C LEU D 209 -11.30 -3.04 8.58
N ASP D 210 -10.43 -2.91 7.58
CA ASP D 210 -10.09 -1.60 7.04
C ASP D 210 -11.33 -0.94 6.42
N LEU D 211 -12.08 -1.72 5.65
CA LEU D 211 -13.29 -1.22 5.00
C LEU D 211 -14.36 -0.80 6.02
N ILE D 212 -14.50 -1.58 7.09
CA ILE D 212 -15.47 -1.26 8.12
C ILE D 212 -15.09 0.07 8.77
N ASN D 213 -13.82 0.22 9.11
CA ASN D 213 -13.37 1.47 9.74
C ASN D 213 -13.62 2.66 8.82
N GLU D 214 -13.25 2.52 7.54
CA GLU D 214 -13.46 3.60 6.58
C GLU D 214 -14.92 3.99 6.51
N TYR D 215 -15.80 3.00 6.51
CA TYR D 215 -17.24 3.27 6.46
C TYR D 215 -17.68 4.08 7.66
N GLN D 216 -17.24 3.66 8.84
CA GLN D 216 -17.61 4.35 10.07
C GLN D 216 -17.06 5.77 10.15
N GLN D 217 -15.83 5.97 9.67
CA GLN D 217 -15.22 7.28 9.70
C GLN D 217 -15.96 8.24 8.77
N LYS D 218 -16.44 7.73 7.65
CA LYS D 218 -17.19 8.54 6.69
C LYS D 218 -18.56 8.81 7.28
N GLN D 219 -18.99 7.92 8.16
CA GLN D 219 -20.27 8.03 8.85
C GLN D 219 -21.45 7.87 7.89
#